data_8PMP
#
_entry.id   8PMP
#
_cell.length_a   1.00
_cell.length_b   1.00
_cell.length_c   1.00
_cell.angle_alpha   90.00
_cell.angle_beta   90.00
_cell.angle_gamma   90.00
#
_symmetry.space_group_name_H-M   'P 1'
#
loop_
_entity.id
_entity.type
_entity.pdbx_description
1 polymer 'Nuclear cap-binding protein subunit 1'
2 polymer 'Nuclear cap-binding protein subunit 2'
3 polymer 'Serrate RNA effector molecule homolog'
4 non-polymer "7N-METHYL-8-HYDROGUANOSINE-5'-TRIPHOSPHATE"
#
loop_
_entity_poly.entity_id
_entity_poly.type
_entity_poly.pdbx_seq_one_letter_code
_entity_poly.pdbx_strand_id
1 'polypeptide(L)'
;MKTSDANETEDHLESLICKVGEKSACSLESNLEGLAGVLEADLPNYKSKILRLLCTVARLLPEKLTIYTTLVGLLNARNY
NFGGEFVEAMIRQLKESLKANNYNEAVYLVRFLSDLVNCHVIAAPSMVAMFENFVSVTQEEDVPQVRRDWYVYAFLSSLP
WVGKELYEKKDAEMDRIFANTESYLKRRQKTHVPMLQVWTADKPHPQEEYLDCLWAQIQKLKKDRWQERHILRPYLAFDS
ILCEALQHNLPPFTPPPHTEDSVYPMPRVIFRMFDYTDDPEGPVMPGSHSVERFVIEENLHCIIKSHWKERKTCAAQLVS
YPGKNKIPLNYHIVEVIFAELFQLPAPPHIDVMYTTLLIELCKLQPGSLPQVLAQATEMLYMRLDTMNTTCVDRFINWFS
HHLSNFQFRWSWEDWSDCLSQDPESPKPKFVREVLEKCMRLSYHQRILDIVPPTFSALCPANPTCIYKYGDESSNSLPGH
SVALCLAVAFKSKATNDEIFSILKDVPNPNQDDDDDEGFSFNPLKIEVFVQTLLHLAAKSFSHSFSALAKFHEVFKTLAE
SDEGKLHVLRVMFEVWRNHPQMIAVLVDKMIRTQIVDCAAVANWIFSSELSRDFTRLFVWEILHSTIRKMNKHVLKIQKE
LEEAKEKLARQHKRRSDDDDRSSDRKDGVLEEQIERLQEKVESAQSEQKNLFLVIFQRFIMILTEHLVRCETDGTSVLTP
WYKNCIERLQQIFLQHHQIIQQYMVTLENLLFTAELDPHILAVFQQFCALQA
;
A
2 'polypeptide(L)'
;MSGGLLKALRSDSYVELSQYRDQHFRGDNEEQEKLLKKSCTLYVGNLSFYTTEEQIYELFSKSGDIKKIIMGLDKMKKTA
CGFCFVEYYSRADAENAMRYINGTRLDDRIIRTDWDAGFKEGRQYGRGRSGGQVRDEYRQDYDAGRGGYGKLAQNQ
;
B
3 'polypeptide(L)'
;VMKTFKEFLLSLDDSVDETEAVKRYNDYKLDFRRQQMQDFFLAHKDEEWFRSKYHPDEVGKRRQEARGALQNRLRVFLSL
METGWFDNLLLDIDKADAIVKMLDAAVIKMEGGTENDLRILEQEEEEEQAGKPGEPSKKEEGRAGAGLGDGERKTNDKDE
KKEDGKQAENDSSNDDKTKKSEGDGDKEEKKEDSEKEAKKSSKKRNRKHSGDDSFDEGSVSESESESESGQAEEEKEEAE
EALKEKEKPKEEEWEKPKDAAGLECKPRPLHKTCSLFMRNIAPNISRAEIISLCKRYPGFMRVALSEPQPERRFFRRGWV
TFDRSVNIKEICWNLQNIRLRECELSPGVNRDLTRRVRNINGITQHKQIVRNDIKLAAKLIHTLDDRTQLWASEPGTPPL
PTSLPSQNPILKNITDYLIEEVSAEEEELLGSSGGAPPEEPPKEGNPAEINVERDEKLIKVLDKLLLYLRIVHSLDYYNT
CEYPNEDEMPNRCGIIHVRGPMPPNRISHGEVLEWQKTFEEKLTPLLSVRESLSEEEAQKMGRKDPEQEVEKFVTSNTQE
LGKDKWLCPLSGKKFKGPEFVRKHIFNKHAEKIEEVKKEVAFFNNFLTDAKRPALPEIKPAQPPGPAQILPPGLTPGLPY
PHQTPQGLMPYGQPRPPILGYGAGAVRPAVPTGGPPYPHAPYGAGRGNYDAFRGQGGYPGKPRNRMVRGDPRAIVEYRDL
DAPDDVDFF
;
D
#
# COMPACT_ATOMS: atom_id res chain seq x y z
N ASN A 7 29.52 2.03 25.96
CA ASN A 7 28.45 1.62 25.07
C ASN A 7 28.06 0.16 25.33
N GLU A 8 29.04 -0.64 25.75
CA GLU A 8 28.74 -2.01 26.14
C GLU A 8 27.67 -2.07 27.23
N THR A 9 27.72 -1.15 28.19
CA THR A 9 26.70 -1.10 29.24
C THR A 9 25.31 -0.91 28.65
N GLU A 10 25.16 0.07 27.76
CA GLU A 10 23.83 0.41 27.25
C GLU A 10 23.25 -0.73 26.43
N ASP A 11 24.04 -1.30 25.52
CA ASP A 11 23.52 -2.38 24.69
C ASP A 11 23.34 -3.66 25.49
N HIS A 12 24.15 -3.88 26.52
CA HIS A 12 23.90 -5.01 27.40
C HIS A 12 22.57 -4.86 28.14
N LEU A 13 22.28 -3.65 28.62
CA LEU A 13 21.00 -3.40 29.27
C LEU A 13 19.85 -3.60 28.29
N GLU A 14 20.00 -3.12 27.06
CA GLU A 14 18.95 -3.28 26.06
C GLU A 14 18.70 -4.75 25.77
N SER A 15 19.77 -5.53 25.59
CA SER A 15 19.60 -6.96 25.34
C SER A 15 18.93 -7.65 26.52
N LEU A 16 19.33 -7.28 27.74
CA LEU A 16 18.69 -7.86 28.92
C LEU A 16 17.19 -7.57 28.94
N ILE A 17 16.82 -6.31 28.75
CA ILE A 17 15.41 -5.94 28.84
C ILE A 17 14.61 -6.60 27.73
N CYS A 18 15.13 -6.61 26.51
CA CYS A 18 14.38 -7.17 25.39
C CYS A 18 14.27 -8.69 25.45
N LYS A 19 15.28 -9.37 26.02
CA LYS A 19 15.28 -10.82 26.02
C LYS A 19 14.13 -11.41 26.83
N VAL A 20 13.51 -10.65 27.73
CA VAL A 20 12.39 -11.18 28.52
C VAL A 20 11.15 -11.23 27.64
N GLY A 21 10.47 -12.37 27.66
CA GLY A 21 9.27 -12.56 26.87
C GLY A 21 9.41 -13.65 25.83
N GLU A 22 10.59 -13.78 25.24
CA GLU A 22 10.81 -14.80 24.25
C GLU A 22 10.80 -16.18 24.90
N LYS A 23 10.56 -17.20 24.08
CA LYS A 23 10.55 -18.57 24.58
C LYS A 23 11.91 -18.94 25.15
N SER A 24 11.90 -19.54 26.34
CA SER A 24 13.13 -19.96 26.99
C SER A 24 12.85 -21.17 27.86
N ALA A 25 13.91 -21.92 28.16
CA ALA A 25 13.77 -23.11 28.99
C ALA A 25 13.27 -22.75 30.39
N CYS A 26 13.81 -21.69 30.97
CA CYS A 26 13.40 -21.29 32.31
C CYS A 26 12.01 -20.66 32.29
N SER A 27 11.34 -20.74 33.44
CA SER A 27 10.00 -20.18 33.57
C SER A 27 10.05 -18.66 33.50
N LEU A 28 8.92 -18.07 33.11
CA LEU A 28 8.85 -16.62 32.93
C LEU A 28 9.15 -15.90 34.24
N GLU A 29 8.61 -16.40 35.35
CA GLU A 29 8.85 -15.76 36.64
C GLU A 29 10.32 -15.73 36.98
N SER A 30 11.03 -16.82 36.70
CA SER A 30 12.46 -16.86 36.99
C SER A 30 13.21 -15.79 36.19
N ASN A 31 12.89 -15.63 34.91
CA ASN A 31 13.56 -14.60 34.12
C ASN A 31 13.25 -13.21 34.66
N LEU A 32 11.98 -12.94 34.99
CA LEU A 32 11.67 -11.62 35.52
C LEU A 32 12.41 -11.35 36.82
N GLU A 33 12.42 -12.33 37.74
CA GLU A 33 13.10 -12.14 39.01
C GLU A 33 14.60 -11.93 38.81
N GLY A 34 15.22 -12.72 37.93
CA GLY A 34 16.64 -12.55 37.69
C GLY A 34 16.98 -11.20 37.09
N LEU A 35 16.20 -10.78 36.09
CA LEU A 35 16.47 -9.48 35.49
C LEU A 35 16.25 -8.36 36.49
N ALA A 36 15.20 -8.47 37.32
CA ALA A 36 14.98 -7.46 38.35
C ALA A 36 16.17 -7.41 39.30
N GLY A 37 16.69 -8.56 39.70
CA GLY A 37 17.87 -8.58 40.55
C GLY A 37 19.07 -7.90 39.91
N VAL A 38 19.33 -8.19 38.63
CA VAL A 38 20.43 -7.52 37.94
C VAL A 38 20.18 -6.01 37.88
N LEU A 39 18.93 -5.62 37.67
CA LEU A 39 18.61 -4.20 37.57
C LEU A 39 18.87 -3.50 38.88
N GLU A 40 18.41 -4.07 39.99
CA GLU A 40 18.69 -3.47 41.28
C GLU A 40 20.18 -3.52 41.62
N ALA A 41 20.88 -4.54 41.11
CA ALA A 41 22.34 -4.59 41.28
C ALA A 41 23.05 -3.48 40.54
N ASP A 42 22.45 -2.96 39.47
CA ASP A 42 23.08 -1.89 38.68
C ASP A 42 22.30 -0.57 38.75
N LEU A 43 21.33 -0.46 39.64
CA LEU A 43 20.50 0.73 39.70
C LEU A 43 21.29 2.01 39.96
N PRO A 44 22.22 2.07 40.92
CA PRO A 44 22.79 3.38 41.28
C PRO A 44 23.61 4.02 40.17
N ASN A 45 24.08 3.25 39.20
CA ASN A 45 24.91 3.78 38.12
C ASN A 45 24.19 3.90 36.79
N TYR A 46 23.01 3.29 36.64
CA TYR A 46 22.30 3.23 35.37
C TYR A 46 20.84 3.64 35.56
N LYS A 47 20.59 4.67 36.37
CA LYS A 47 19.22 5.14 36.59
C LYS A 47 18.59 5.62 35.29
N SER A 48 19.17 6.66 34.68
CA SER A 48 18.61 7.23 33.46
C SER A 48 18.62 6.23 32.30
N LYS A 49 19.64 5.39 32.23
CA LYS A 49 19.71 4.42 31.14
C LYS A 49 18.52 3.45 31.21
N ILE A 50 18.27 2.90 32.40
CA ILE A 50 17.14 1.99 32.54
C ILE A 50 15.83 2.72 32.38
N LEU A 51 15.75 3.97 32.81
CA LEU A 51 14.54 4.76 32.60
C LEU A 51 14.24 4.85 31.10
N ARG A 52 15.23 5.27 30.32
CA ARG A 52 15.06 5.39 28.88
C ARG A 52 14.64 4.06 28.27
N LEU A 53 15.35 2.99 28.62
CA LEU A 53 15.03 1.69 28.04
C LEU A 53 13.60 1.27 28.37
N LEU A 54 13.17 1.48 29.61
CA LEU A 54 11.81 1.11 30.00
C LEU A 54 10.79 1.90 29.21
N CYS A 55 10.99 3.21 29.08
CA CYS A 55 10.06 4.02 28.28
C CYS A 55 9.99 3.52 26.85
N THR A 56 11.17 3.25 26.25
CA THR A 56 11.19 2.80 24.86
C THR A 56 10.47 1.47 24.70
N VAL A 57 10.61 0.59 25.70
CA VAL A 57 9.95 -0.71 25.60
C VAL A 57 8.48 -0.60 25.93
N ALA A 58 8.07 0.45 26.64
CA ALA A 58 6.66 0.70 26.90
C ALA A 58 6.00 1.33 25.70
N ARG A 59 6.80 1.88 24.77
CA ARG A 59 6.26 2.54 23.60
C ARG A 59 6.36 1.73 22.33
N LEU A 60 7.28 0.77 22.25
CA LEU A 60 7.49 0.01 21.02
C LEU A 60 7.21 -1.49 21.12
N LEU A 61 6.76 -2.01 22.27
CA LEU A 61 6.42 -3.43 22.40
C LEU A 61 5.07 -3.63 23.06
N PRO A 62 3.98 -3.19 22.41
CA PRO A 62 2.65 -3.41 23.01
C PRO A 62 2.28 -4.88 23.14
N GLU A 63 2.84 -5.75 22.31
CA GLU A 63 2.48 -7.17 22.34
C GLU A 63 3.09 -7.91 23.52
N LYS A 64 3.88 -7.20 24.34
CA LYS A 64 4.46 -7.71 25.57
C LYS A 64 4.11 -6.73 26.68
N LEU A 65 2.98 -6.04 26.52
CA LEU A 65 2.62 -4.96 27.43
C LEU A 65 2.43 -5.48 28.85
N THR A 66 1.88 -6.68 28.98
CA THR A 66 1.75 -7.28 30.31
C THR A 66 3.13 -7.61 30.90
N ILE A 67 3.99 -8.25 30.11
CA ILE A 67 5.25 -8.78 30.63
C ILE A 67 6.05 -7.69 31.32
N TYR A 68 6.40 -6.64 30.58
CA TYR A 68 7.21 -5.58 31.17
C TYR A 68 6.49 -4.92 32.32
N THR A 69 5.17 -4.79 32.24
CA THR A 69 4.45 -4.18 33.35
C THR A 69 4.74 -4.94 34.63
N THR A 70 4.68 -6.27 34.59
CA THR A 70 5.03 -7.06 35.76
C THR A 70 6.40 -6.65 36.26
N LEU A 71 7.39 -6.63 35.36
CA LEU A 71 8.73 -6.27 35.76
C LEU A 71 8.76 -4.93 36.47
N VAL A 72 8.01 -3.95 35.95
CA VAL A 72 8.09 -2.60 36.51
C VAL A 72 7.55 -2.60 37.94
N GLY A 73 6.68 -3.55 38.27
CA GLY A 73 6.21 -3.65 39.64
C GLY A 73 7.29 -4.17 40.58
N LEU A 74 8.05 -5.18 40.13
CA LEU A 74 9.08 -5.73 41.00
C LEU A 74 10.09 -4.66 41.39
N LEU A 75 10.53 -3.87 40.42
CA LEU A 75 11.48 -2.81 40.73
C LEU A 75 10.87 -1.83 41.71
N ASN A 76 9.59 -1.50 41.53
CA ASN A 76 8.93 -0.62 42.49
C ASN A 76 8.92 -1.26 43.86
N ALA A 77 8.65 -2.56 43.93
CA ALA A 77 8.68 -3.25 45.21
C ALA A 77 10.06 -3.17 45.87
N ARG A 78 11.11 -2.97 45.06
CA ARG A 78 12.45 -2.80 45.61
C ARG A 78 12.82 -1.35 45.87
N ASN A 79 12.17 -0.40 45.19
CA ASN A 79 12.51 1.02 45.38
C ASN A 79 11.27 1.87 45.13
N TYR A 80 11.05 2.84 46.02
CA TYR A 80 9.96 3.79 45.88
C TYR A 80 10.35 5.01 45.05
N ASN A 81 11.53 5.56 45.29
CA ASN A 81 11.98 6.70 44.49
C ASN A 81 12.09 6.34 43.03
N PHE A 82 12.62 5.15 42.74
CA PHE A 82 12.69 4.71 41.35
C PHE A 82 11.31 4.75 40.71
N GLY A 83 10.33 4.10 41.37
CA GLY A 83 8.98 4.07 40.83
C GLY A 83 8.42 5.46 40.59
N GLY A 84 8.55 6.34 41.58
CA GLY A 84 8.03 7.69 41.41
C GLY A 84 8.66 8.43 40.24
N GLU A 85 9.97 8.28 40.08
CA GLU A 85 10.64 8.94 38.97
C GLU A 85 10.23 8.30 37.64
N PHE A 86 9.99 6.98 37.64
CA PHE A 86 9.55 6.30 36.44
C PHE A 86 8.17 6.77 36.00
N VAL A 87 7.24 6.94 36.95
CA VAL A 87 5.92 7.43 36.58
C VAL A 87 5.98 8.89 36.16
N GLU A 88 6.83 9.69 36.79
CA GLU A 88 7.00 11.07 36.34
C GLU A 88 7.49 11.10 34.90
N ALA A 89 8.53 10.31 34.61
CA ALA A 89 9.04 10.19 33.25
C ALA A 89 7.93 9.80 32.29
N MET A 90 7.22 8.70 32.59
CA MET A 90 6.18 8.23 31.70
C MET A 90 5.15 9.32 31.41
N ILE A 91 4.71 10.04 32.45
CA ILE A 91 3.71 11.08 32.22
C ILE A 91 4.27 12.17 31.33
N ARG A 92 5.54 12.55 31.53
CA ARG A 92 6.12 13.57 30.68
C ARG A 92 6.23 13.07 29.24
N GLN A 93 6.59 11.80 29.06
CA GLN A 93 6.67 11.21 27.74
C GLN A 93 5.29 11.22 27.08
N LEU A 94 4.25 10.86 27.83
CA LEU A 94 2.90 10.89 27.30
C LEU A 94 2.54 12.31 26.85
N LYS A 95 2.85 13.30 27.68
CA LYS A 95 2.61 14.69 27.30
C LYS A 95 3.28 15.01 25.97
N GLU A 96 4.54 14.62 25.84
CA GLU A 96 5.27 14.86 24.60
C GLU A 96 4.59 14.16 23.43
N SER A 97 4.16 12.91 23.64
CA SER A 97 3.49 12.17 22.57
C SER A 97 2.22 12.88 22.12
N LEU A 98 1.46 13.43 23.08
CA LEU A 98 0.23 14.11 22.73
C LEU A 98 0.52 15.46 22.08
N LYS A 99 1.70 16.02 22.33
CA LYS A 99 2.09 17.26 21.67
C LYS A 99 2.65 17.00 20.28
N ALA A 100 3.18 15.80 20.04
CA ALA A 100 3.72 15.40 18.74
C ALA A 100 2.66 14.92 17.77
N ASN A 101 1.38 14.90 18.17
CA ASN A 101 0.29 14.42 17.33
C ASN A 101 0.43 12.94 16.98
N ASN A 102 1.21 12.19 17.74
CA ASN A 102 1.37 10.75 17.54
C ASN A 102 0.56 10.05 18.62
N TYR A 103 -0.69 9.72 18.29
CA TYR A 103 -1.66 9.25 19.27
C TYR A 103 -1.61 7.74 19.50
N ASN A 104 -1.00 6.99 18.59
CA ASN A 104 -0.90 5.55 18.78
C ASN A 104 -0.06 5.24 20.02
N GLU A 105 1.13 5.84 20.09
CA GLU A 105 1.95 5.62 21.28
C GLU A 105 1.26 6.20 22.50
N ALA A 106 0.41 7.22 22.32
CA ALA A 106 -0.36 7.72 23.43
C ALA A 106 -1.23 6.63 24.00
N VAL A 107 -1.89 5.86 23.11
CA VAL A 107 -2.78 4.79 23.54
C VAL A 107 -1.96 3.74 24.28
N TYR A 108 -0.82 3.37 23.70
CA TYR A 108 0.02 2.35 24.31
C TYR A 108 0.46 2.78 25.70
N LEU A 109 0.93 4.02 25.84
CA LEU A 109 1.32 4.55 27.15
C LEU A 109 0.18 4.43 28.15
N VAL A 110 -1.02 4.90 27.77
CA VAL A 110 -2.17 4.82 28.68
C VAL A 110 -2.38 3.36 29.10
N ARG A 111 -2.37 2.44 28.13
CA ARG A 111 -2.58 1.04 28.44
C ARG A 111 -1.54 0.56 29.45
N PHE A 112 -0.28 0.90 29.21
CA PHE A 112 0.80 0.52 30.13
C PHE A 112 0.49 1.02 31.54
N LEU A 113 0.17 2.31 31.65
CA LEU A 113 -0.15 2.89 32.94
C LEU A 113 -1.25 2.12 33.65
N SER A 114 -2.29 1.73 32.91
CA SER A 114 -3.41 1.01 33.50
C SER A 114 -2.99 -0.38 33.98
N ASP A 115 -2.18 -1.07 33.18
CA ASP A 115 -1.76 -2.39 33.65
C ASP A 115 -0.76 -2.24 34.78
N LEU A 116 -0.06 -1.11 34.84
CA LEU A 116 0.84 -0.81 35.94
C LEU A 116 0.04 -0.57 37.21
N VAL A 117 -1.14 0.02 37.06
CA VAL A 117 -2.05 0.18 38.19
C VAL A 117 -2.44 -1.19 38.71
N ASN A 118 -2.61 -2.15 37.79
CA ASN A 118 -2.90 -3.51 38.25
C ASN A 118 -1.80 -4.09 39.13
N CYS A 119 -0.56 -3.60 39.00
CA CYS A 119 0.58 -4.12 39.76
C CYS A 119 0.79 -3.41 41.09
N HIS A 120 -0.15 -2.59 41.54
CA HIS A 120 -0.05 -1.91 42.84
C HIS A 120 1.14 -0.94 42.83
N VAL A 121 1.22 -0.15 41.77
CA VAL A 121 2.22 0.91 41.63
C VAL A 121 1.58 2.29 41.79
N ILE A 122 0.49 2.53 41.07
CA ILE A 122 -0.25 3.79 41.14
C ILE A 122 -1.58 3.51 41.85
N ALA A 123 -1.94 4.38 42.79
CA ALA A 123 -3.23 4.27 43.46
C ALA A 123 -4.36 4.44 42.46
N ALA A 124 -5.40 3.60 42.62
CA ALA A 124 -6.54 3.67 41.71
C ALA A 124 -7.20 5.04 41.62
N PRO A 125 -7.42 5.78 42.71
CA PRO A 125 -8.13 7.06 42.58
C PRO A 125 -7.49 8.04 41.61
N SER A 126 -6.16 8.10 41.55
CA SER A 126 -5.51 9.01 40.61
C SER A 126 -5.82 8.60 39.17
N MET A 127 -5.77 7.31 38.88
CA MET A 127 -6.14 6.83 37.56
C MET A 127 -7.60 7.13 37.26
N VAL A 128 -8.47 7.01 38.27
CA VAL A 128 -9.87 7.33 38.10
C VAL A 128 -10.03 8.80 37.71
N ALA A 129 -9.26 9.67 38.35
CA ALA A 129 -9.29 11.09 37.99
C ALA A 129 -8.82 11.31 36.56
N MET A 130 -7.75 10.61 36.16
CA MET A 130 -7.26 10.74 34.80
C MET A 130 -8.31 10.32 33.78
N PHE A 131 -8.97 9.19 34.04
CA PHE A 131 -10.02 8.72 33.13
C PHE A 131 -11.20 9.68 33.12
N GLU A 132 -11.51 10.28 34.28
CA GLU A 132 -12.58 11.27 34.34
C GLU A 132 -12.24 12.47 33.47
N ASN A 133 -10.98 12.91 33.50
CA ASN A 133 -10.58 14.01 32.62
C ASN A 133 -10.68 13.61 31.15
N PHE A 134 -10.23 12.40 30.82
CA PHE A 134 -10.38 11.91 29.45
C PHE A 134 -11.82 12.00 29.00
N VAL A 135 -12.75 11.44 29.78
CA VAL A 135 -14.15 11.45 29.39
C VAL A 135 -14.70 12.86 29.32
N SER A 136 -14.37 13.70 30.31
CA SER A 136 -14.85 15.07 30.29
C SER A 136 -14.37 15.83 29.06
N VAL A 137 -13.27 15.38 28.44
CA VAL A 137 -12.87 16.00 27.17
C VAL A 137 -14.03 16.00 26.19
N THR A 138 -14.93 15.01 26.28
CA THR A 138 -16.08 14.96 25.38
C THR A 138 -17.01 16.14 25.56
N GLN A 139 -16.95 16.82 26.72
CA GLN A 139 -17.82 17.96 26.97
C GLN A 139 -17.28 19.26 26.37
N GLU A 140 -16.10 19.22 25.75
CA GLU A 140 -15.55 20.42 25.13
C GLU A 140 -16.45 20.89 23.99
N GLU A 141 -16.44 22.19 23.76
CA GLU A 141 -17.30 22.82 22.77
C GLU A 141 -16.51 23.15 21.50
N ASP A 142 -17.17 22.97 20.35
CA ASP A 142 -16.58 23.36 19.07
C ASP A 142 -15.23 22.68 18.84
N VAL A 143 -15.20 21.38 19.07
CA VAL A 143 -13.98 20.59 18.91
C VAL A 143 -14.31 19.40 18.01
N PRO A 144 -13.40 18.99 17.13
CA PRO A 144 -13.71 17.88 16.22
C PRO A 144 -14.22 16.66 16.98
N GLN A 145 -15.06 15.87 16.30
CA GLN A 145 -15.56 14.64 16.90
C GLN A 145 -14.53 13.52 16.87
N VAL A 146 -13.48 13.67 16.06
CA VAL A 146 -12.44 12.65 16.01
C VAL A 146 -11.55 12.72 17.25
N ARG A 147 -11.55 13.86 17.94
CA ARG A 147 -10.83 13.96 19.20
C ARG A 147 -11.61 13.23 20.27
N ARG A 148 -12.77 13.77 20.64
CA ARG A 148 -13.69 13.13 21.58
C ARG A 148 -13.63 11.62 21.33
N ASP A 149 -13.67 11.23 20.05
CA ASP A 149 -13.64 9.83 19.68
C ASP A 149 -12.37 9.16 20.19
N TRP A 150 -11.20 9.62 19.73
CA TRP A 150 -9.95 9.01 20.17
C TRP A 150 -9.86 8.91 21.69
N TYR A 151 -10.24 9.97 22.40
CA TYR A 151 -10.13 9.95 23.85
C TYR A 151 -11.01 8.87 24.46
N VAL A 152 -12.26 8.78 24.02
CA VAL A 152 -13.15 7.75 24.53
C VAL A 152 -12.59 6.38 24.16
N TYR A 153 -11.98 6.26 22.99
CA TYR A 153 -11.40 5.00 22.56
C TYR A 153 -10.24 4.60 23.46
N ALA A 154 -9.39 5.56 23.82
CA ALA A 154 -8.29 5.26 24.73
C ALA A 154 -8.81 4.80 26.08
N PHE A 155 -9.81 5.49 26.62
CA PHE A 155 -10.39 5.09 27.89
C PHE A 155 -10.94 3.67 27.80
N LEU A 156 -11.79 3.41 26.81
CA LEU A 156 -12.46 2.12 26.72
C LEU A 156 -11.47 1.00 26.41
N SER A 157 -10.42 1.28 25.63
CA SER A 157 -9.42 0.28 25.32
C SER A 157 -8.49 0.02 26.50
N SER A 158 -8.32 1.02 27.38
CA SER A 158 -7.62 0.78 28.63
C SER A 158 -8.44 -0.08 29.58
N LEU A 159 -9.77 0.03 29.56
CA LEU A 159 -10.60 -0.78 30.45
C LEU A 159 -10.29 -2.28 30.43
N PRO A 160 -10.15 -2.96 29.28
CA PRO A 160 -9.98 -4.42 29.30
C PRO A 160 -8.82 -4.93 30.15
N TRP A 161 -7.99 -4.05 30.70
CA TRP A 161 -6.83 -4.47 31.47
C TRP A 161 -6.90 -4.10 32.94
N VAL A 162 -7.62 -3.05 33.31
CA VAL A 162 -7.62 -2.58 34.69
C VAL A 162 -9.07 -2.35 35.17
N GLY A 163 -10.03 -2.81 34.37
CA GLY A 163 -11.42 -2.53 34.69
C GLY A 163 -11.84 -3.12 36.01
N LYS A 164 -11.45 -4.37 36.27
CA LYS A 164 -11.81 -5.00 37.54
C LYS A 164 -11.36 -4.14 38.71
N GLU A 165 -10.10 -3.73 38.69
CA GLU A 165 -9.56 -2.96 39.82
C GLU A 165 -10.29 -1.63 39.97
N LEU A 166 -10.41 -0.85 38.88
CA LEU A 166 -11.06 0.45 39.05
C LEU A 166 -12.50 0.29 39.50
N TYR A 167 -13.23 -0.68 38.96
CA TYR A 167 -14.64 -0.78 39.35
C TYR A 167 -14.77 -1.24 40.79
N GLU A 168 -13.95 -2.22 41.20
CA GLU A 168 -14.00 -2.71 42.58
C GLU A 168 -13.48 -1.68 43.56
N LYS A 169 -12.82 -0.63 43.10
CA LYS A 169 -12.35 0.40 44.01
C LYS A 169 -13.26 1.62 44.05
N LYS A 170 -13.74 2.10 42.89
CA LYS A 170 -14.51 3.32 42.77
C LYS A 170 -15.74 3.13 41.88
N ASP A 171 -16.52 2.06 42.13
CA ASP A 171 -17.64 1.77 41.25
C ASP A 171 -18.59 2.95 41.08
N ALA A 172 -18.72 3.82 42.09
CA ALA A 172 -19.63 4.94 41.96
C ALA A 172 -19.18 5.89 40.85
N GLU A 173 -17.96 6.40 40.96
CA GLU A 173 -17.43 7.30 39.94
C GLU A 173 -17.30 6.58 38.60
N MET A 174 -17.04 5.27 38.62
CA MET A 174 -17.02 4.52 37.36
C MET A 174 -18.39 4.53 36.70
N ASP A 175 -19.46 4.33 37.47
CA ASP A 175 -20.78 4.35 36.90
C ASP A 175 -21.14 5.73 36.36
N ARG A 176 -20.74 6.79 37.07
CA ARG A 176 -20.96 8.13 36.54
C ARG A 176 -20.22 8.33 35.23
N ILE A 177 -18.97 7.85 35.17
CA ILE A 177 -18.17 7.97 33.96
C ILE A 177 -18.83 7.22 32.81
N PHE A 178 -19.32 6.00 33.08
CA PHE A 178 -20.00 5.23 32.05
C PHE A 178 -21.25 5.93 31.56
N ALA A 179 -22.01 6.53 32.48
CA ALA A 179 -23.18 7.28 32.08
C ALA A 179 -22.80 8.43 31.16
N ASN A 180 -21.71 9.13 31.48
CA ASN A 180 -21.24 10.20 30.60
C ASN A 180 -20.85 9.66 29.23
N THR A 181 -20.16 8.52 29.19
CA THR A 181 -19.76 7.93 27.92
C THR A 181 -20.98 7.56 27.08
N GLU A 182 -22.00 6.98 27.70
CA GLU A 182 -23.24 6.70 26.98
C GLU A 182 -23.90 7.98 26.47
N SER A 183 -23.97 9.00 27.33
CA SER A 183 -24.55 10.27 26.91
C SER A 183 -23.83 10.82 25.69
N TYR A 184 -22.52 10.61 25.60
CA TYR A 184 -21.78 11.05 24.42
C TYR A 184 -22.07 10.17 23.22
N LEU A 185 -21.95 8.85 23.39
CA LEU A 185 -22.02 7.93 22.26
C LEU A 185 -23.39 7.92 21.61
N LYS A 186 -24.45 8.18 22.39
CA LYS A 186 -25.79 8.23 21.82
C LYS A 186 -25.96 9.35 20.81
N ARG A 187 -25.09 10.36 20.81
CA ARG A 187 -25.24 11.53 19.95
C ARG A 187 -24.05 11.71 19.02
N ARG A 188 -23.39 10.62 18.66
CA ARG A 188 -22.31 10.67 17.69
C ARG A 188 -22.86 10.71 16.27
N GLN A 189 -21.99 11.03 15.32
CA GLN A 189 -22.32 11.08 13.90
C GLN A 189 -21.73 9.86 13.20
N LYS A 190 -22.57 9.13 12.48
CA LYS A 190 -22.17 7.90 11.79
C LYS A 190 -22.14 8.07 10.28
N THR A 191 -22.04 9.30 9.79
CA THR A 191 -22.10 9.53 8.35
C THR A 191 -20.94 8.86 7.62
N HIS A 192 -19.81 8.66 8.30
CA HIS A 192 -18.63 8.11 7.66
C HIS A 192 -18.66 6.61 7.48
N VAL A 193 -19.58 5.90 8.15
CA VAL A 193 -19.55 4.44 8.11
C VAL A 193 -19.70 3.89 6.70
N PRO A 194 -20.67 4.34 5.89
CA PRO A 194 -20.81 3.74 4.55
C PRO A 194 -19.56 3.86 3.70
N MET A 195 -18.82 4.96 3.82
CA MET A 195 -17.61 5.14 3.03
C MET A 195 -16.48 4.23 3.50
N LEU A 196 -16.59 3.64 4.69
CA LEU A 196 -15.52 2.84 5.27
C LEU A 196 -15.83 1.36 5.35
N GLN A 197 -17.10 0.98 5.24
CA GLN A 197 -17.48 -0.43 5.34
C GLN A 197 -16.94 -1.22 4.15
N VAL A 198 -16.32 -2.36 4.43
CA VAL A 198 -15.90 -3.25 3.36
C VAL A 198 -17.12 -3.86 2.68
N TRP A 199 -18.12 -4.23 3.45
CA TRP A 199 -19.38 -4.76 2.94
C TRP A 199 -20.52 -3.88 3.43
N THR A 200 -21.37 -3.43 2.51
CA THR A 200 -22.53 -2.63 2.88
C THR A 200 -23.69 -3.48 3.39
N ALA A 201 -23.66 -4.79 3.16
CA ALA A 201 -24.74 -5.66 3.60
C ALA A 201 -24.65 -5.90 5.09
N ASP A 202 -25.82 -5.95 5.74
CA ASP A 202 -25.88 -6.15 7.19
C ASP A 202 -25.82 -7.61 7.59
N LYS A 203 -25.72 -8.52 6.63
CA LYS A 203 -25.58 -9.93 6.93
C LYS A 203 -24.44 -10.54 6.11
N PRO A 204 -23.80 -11.61 6.62
CA PRO A 204 -24.08 -12.23 7.92
C PRO A 204 -23.27 -11.59 9.05
N HIS A 205 -22.40 -10.64 8.72
CA HIS A 205 -21.57 -9.95 9.71
C HIS A 205 -21.63 -8.45 9.45
N PRO A 206 -22.42 -7.70 10.21
CA PRO A 206 -22.45 -6.25 10.00
C PRO A 206 -21.08 -5.64 10.28
N GLN A 207 -20.70 -4.67 9.46
CA GLN A 207 -19.42 -3.97 9.64
C GLN A 207 -19.67 -2.70 10.44
N GLU A 208 -19.73 -2.88 11.76
CA GLU A 208 -20.06 -1.78 12.65
C GLU A 208 -18.82 -0.96 12.98
N GLU A 209 -19.05 0.30 13.35
CA GLU A 209 -17.95 1.19 13.66
C GLU A 209 -17.18 0.70 14.89
N TYR A 210 -15.91 1.10 14.97
CA TYR A 210 -15.03 0.56 16.00
C TYR A 210 -15.50 0.95 17.40
N LEU A 211 -15.96 2.19 17.58
CA LEU A 211 -16.42 2.61 18.90
C LEU A 211 -17.65 1.83 19.34
N ASP A 212 -18.61 1.61 18.44
CA ASP A 212 -19.81 0.86 18.81
C ASP A 212 -19.46 -0.56 19.23
N CYS A 213 -18.61 -1.23 18.43
CA CYS A 213 -18.21 -2.59 18.75
C CYS A 213 -17.44 -2.63 20.07
N LEU A 214 -16.53 -1.67 20.27
CA LEU A 214 -15.76 -1.63 21.50
C LEU A 214 -16.66 -1.43 22.71
N TRP A 215 -17.65 -0.55 22.59
CA TRP A 215 -18.58 -0.35 23.70
C TRP A 215 -19.42 -1.59 23.94
N ALA A 216 -19.77 -2.32 22.88
CA ALA A 216 -20.47 -3.59 23.06
C ALA A 216 -19.61 -4.57 23.85
N GLN A 217 -18.33 -4.67 23.50
CA GLN A 217 -17.43 -5.55 24.25
C GLN A 217 -17.32 -5.11 25.71
N ILE A 218 -17.23 -3.80 25.95
CA ILE A 218 -17.12 -3.31 27.32
C ILE A 218 -18.38 -3.66 28.10
N GLN A 219 -19.55 -3.48 27.49
CA GLN A 219 -20.79 -3.81 28.17
C GLN A 219 -20.88 -5.31 28.48
N LYS A 220 -20.48 -6.15 27.51
CA LYS A 220 -20.50 -7.59 27.75
C LYS A 220 -19.55 -7.96 28.89
N LEU A 221 -18.37 -7.35 28.90
CA LEU A 221 -17.42 -7.62 29.99
C LEU A 221 -17.99 -7.19 31.33
N LYS A 222 -18.62 -6.02 31.37
CA LYS A 222 -19.21 -5.54 32.61
C LYS A 222 -20.29 -6.51 33.11
N LYS A 223 -21.12 -7.01 32.20
CA LYS A 223 -22.13 -7.99 32.60
C LYS A 223 -21.48 -9.27 33.09
N ASP A 224 -20.28 -9.59 32.62
CA ASP A 224 -19.56 -10.78 33.04
C ASP A 224 -18.70 -10.55 34.28
N ARG A 225 -18.95 -9.47 35.02
CA ARG A 225 -18.19 -9.16 36.23
C ARG A 225 -16.70 -9.00 35.93
N TRP A 226 -16.39 -8.47 34.75
CA TRP A 226 -15.01 -8.19 34.36
C TRP A 226 -14.14 -9.44 34.47
N GLN A 227 -14.66 -10.56 33.98
CA GLN A 227 -13.96 -11.84 34.03
C GLN A 227 -13.54 -12.21 32.61
N GLU A 228 -12.35 -11.75 32.23
CA GLU A 228 -11.76 -12.09 30.93
C GLU A 228 -11.01 -13.42 31.02
N ARG A 229 -10.74 -13.99 29.85
CA ARG A 229 -10.12 -15.32 29.78
C ARG A 229 -8.94 -15.39 28.81
N HIS A 230 -8.39 -14.25 28.41
CA HIS A 230 -7.31 -14.28 27.43
C HIS A 230 -6.08 -13.50 27.86
N ILE A 231 -6.24 -12.36 28.54
CA ILE A 231 -5.10 -11.52 28.88
C ILE A 231 -4.19 -12.26 29.84
N LEU A 232 -2.89 -12.19 29.58
CA LEU A 232 -1.91 -12.79 30.47
C LEU A 232 -1.57 -11.81 31.59
N ARG A 233 -1.53 -12.31 32.82
CA ARG A 233 -1.25 -11.50 34.01
C ARG A 233 -0.17 -12.20 34.84
N PRO A 234 1.09 -12.04 34.46
CA PRO A 234 2.16 -12.70 35.23
C PRO A 234 2.20 -12.26 36.68
N TYR A 235 1.75 -11.04 36.98
CA TYR A 235 1.84 -10.52 38.34
C TYR A 235 0.96 -11.26 39.33
N LEU A 236 0.05 -12.13 38.86
CA LEU A 236 -0.76 -12.90 39.79
C LEU A 236 0.11 -13.79 40.67
N ALA A 237 1.15 -14.40 40.10
CA ALA A 237 2.05 -15.23 40.88
C ALA A 237 2.93 -14.40 41.79
N PHE A 238 3.26 -13.18 41.38
CA PHE A 238 4.10 -12.26 42.14
C PHE A 238 3.28 -11.57 43.24
N ASP A 239 2.28 -12.29 43.78
CA ASP A 239 1.36 -11.72 44.76
C ASP A 239 2.04 -11.04 45.94
N SER A 240 2.67 -11.79 46.84
CA SER A 240 3.22 -11.20 48.07
C SER A 240 4.08 -9.97 47.78
N ILE A 241 5.09 -10.13 46.93
CA ILE A 241 5.99 -9.02 46.61
C ILE A 241 5.19 -7.78 46.26
N LEU A 242 4.31 -7.88 45.26
CA LEU A 242 3.60 -6.69 44.81
C LEU A 242 2.67 -6.15 45.90
N CYS A 243 2.01 -7.04 46.64
CA CYS A 243 1.08 -6.60 47.68
C CYS A 243 1.78 -5.86 48.80
N GLU A 244 3.08 -6.08 49.00
CA GLU A 244 3.83 -5.32 49.99
C GLU A 244 4.55 -4.13 49.38
N ALA A 245 4.00 -3.58 48.31
CA ALA A 245 4.59 -2.47 47.57
C ALA A 245 3.84 -1.18 47.89
N LEU A 246 4.58 -0.07 47.91
CA LEU A 246 3.98 1.23 48.15
C LEU A 246 3.17 1.68 46.93
N GLN A 247 2.30 2.66 47.16
CA GLN A 247 1.39 3.18 46.14
C GLN A 247 1.77 4.59 45.77
N HIS A 248 1.98 4.84 44.47
CA HIS A 248 2.26 6.17 43.97
C HIS A 248 0.98 6.85 43.50
N ASN A 249 1.03 8.18 43.44
CA ASN A 249 -0.10 9.00 43.00
C ASN A 249 0.32 9.83 41.80
N LEU A 250 -0.36 9.63 40.67
CA LEU A 250 -0.07 10.43 39.49
C LEU A 250 -0.52 11.88 39.71
N PRO A 251 0.24 12.86 39.21
CA PRO A 251 -0.17 14.26 39.37
C PRO A 251 -1.42 14.54 38.57
N PRO A 252 -2.21 15.57 38.95
CA PRO A 252 -3.40 15.91 38.15
C PRO A 252 -3.07 16.11 36.69
N PHE A 253 -3.71 15.31 35.82
CA PHE A 253 -3.45 15.32 34.39
C PHE A 253 -4.52 16.14 33.68
N THR A 254 -4.09 17.05 32.81
CA THR A 254 -5.00 17.82 31.98
C THR A 254 -4.62 17.62 30.51
N PRO A 255 -5.49 17.05 29.67
CA PRO A 255 -5.12 16.84 28.29
C PRO A 255 -4.80 18.15 27.60
N PRO A 256 -3.84 18.16 26.67
CA PRO A 256 -3.48 19.40 25.98
C PRO A 256 -4.68 19.99 25.26
N PRO A 257 -4.84 21.31 25.28
CA PRO A 257 -5.98 21.93 24.61
C PRO A 257 -5.91 21.74 23.10
N HIS A 258 -7.09 21.81 22.48
CA HIS A 258 -7.18 21.63 21.03
C HIS A 258 -6.47 22.75 20.29
N THR A 259 -5.77 22.38 19.22
CA THR A 259 -5.07 23.32 18.37
C THR A 259 -5.35 22.99 16.91
N GLU A 260 -5.28 24.01 16.06
CA GLU A 260 -5.59 23.81 14.64
C GLU A 260 -4.64 22.82 14.00
N ASP A 261 -3.35 22.90 14.33
CA ASP A 261 -2.37 22.00 13.73
C ASP A 261 -2.47 20.56 14.24
N SER A 262 -3.19 20.33 15.34
CA SER A 262 -3.31 18.96 15.85
C SER A 262 -4.12 18.09 14.89
N VAL A 263 -3.66 16.86 14.69
CA VAL A 263 -4.31 15.90 13.81
C VAL A 263 -4.55 14.62 14.59
N TYR A 264 -5.78 14.12 14.55
CA TYR A 264 -6.16 12.91 15.26
C TYR A 264 -6.41 11.76 14.29
N PRO A 265 -6.26 10.52 14.74
CA PRO A 265 -6.51 9.39 13.84
C PRO A 265 -7.94 9.41 13.33
N MET A 266 -8.10 9.06 12.05
CA MET A 266 -9.44 9.04 11.48
C MET A 266 -10.20 7.80 11.96
N PRO A 267 -11.53 7.90 12.06
CA PRO A 267 -12.32 6.75 12.52
C PRO A 267 -12.18 5.58 11.56
N ARG A 268 -12.28 4.37 12.11
CA ARG A 268 -12.16 3.14 11.36
C ARG A 268 -13.37 2.26 11.64
N VAL A 269 -13.50 1.20 10.86
CA VAL A 269 -14.60 0.24 10.99
C VAL A 269 -14.00 -1.14 11.19
N ILE A 270 -14.43 -1.83 12.24
CA ILE A 270 -13.92 -3.18 12.50
C ILE A 270 -14.28 -4.07 11.33
N PHE A 271 -13.32 -4.86 10.87
CA PHE A 271 -13.52 -5.77 9.75
C PHE A 271 -13.83 -7.15 10.32
N ARG A 272 -15.11 -7.54 10.25
CA ARG A 272 -15.58 -8.83 10.74
C ARG A 272 -16.06 -9.65 9.56
N MET A 273 -15.48 -10.84 9.38
CA MET A 273 -15.93 -11.74 8.34
C MET A 273 -16.03 -13.20 8.77
N PHE A 274 -15.49 -13.59 9.94
CA PHE A 274 -15.52 -14.96 10.39
C PHE A 274 -16.57 -15.14 11.48
N ASP A 275 -16.66 -16.37 11.99
CA ASP A 275 -17.61 -16.71 13.03
C ASP A 275 -17.22 -18.05 13.62
N TYR A 276 -17.63 -18.28 14.87
CA TYR A 276 -17.27 -19.53 15.54
C TYR A 276 -17.78 -20.74 14.79
N THR A 277 -18.90 -20.60 14.07
CA THR A 277 -19.43 -21.73 13.31
C THR A 277 -18.50 -22.15 12.18
N ASP A 278 -17.56 -21.29 11.78
CA ASP A 278 -16.64 -21.61 10.71
C ASP A 278 -15.53 -22.57 11.14
N ASP A 279 -15.41 -22.85 12.43
CA ASP A 279 -14.40 -23.77 12.97
C ASP A 279 -15.10 -24.76 13.89
N PRO A 280 -15.86 -25.71 13.33
CA PRO A 280 -16.55 -26.69 14.19
C PRO A 280 -15.63 -27.67 14.88
N GLU A 281 -14.33 -27.64 14.62
CA GLU A 281 -13.38 -28.56 15.22
C GLU A 281 -12.42 -27.89 16.18
N GLY A 282 -12.00 -26.65 15.90
CA GLY A 282 -11.04 -25.98 16.74
C GLY A 282 -11.67 -25.38 17.97
N PRO A 283 -10.85 -24.67 18.74
CA PRO A 283 -11.36 -24.02 19.96
C PRO A 283 -12.46 -23.02 19.63
N VAL A 284 -13.40 -22.88 20.57
CA VAL A 284 -14.53 -21.96 20.36
C VAL A 284 -13.98 -20.57 20.09
N MET A 285 -14.24 -20.07 18.89
CA MET A 285 -13.75 -18.74 18.52
C MET A 285 -14.44 -17.68 19.36
N PRO A 286 -13.70 -16.68 19.85
CA PRO A 286 -14.35 -15.62 20.65
C PRO A 286 -15.45 -14.94 19.87
N GLY A 287 -16.52 -14.58 20.57
CA GLY A 287 -17.64 -13.95 19.94
C GLY A 287 -17.31 -12.58 19.38
N SER A 288 -18.12 -12.15 18.41
CA SER A 288 -17.89 -10.88 17.75
C SER A 288 -18.01 -9.70 18.71
N HIS A 289 -18.71 -9.87 19.82
CA HIS A 289 -18.89 -8.82 20.81
C HIS A 289 -18.16 -9.13 22.12
N SER A 290 -17.25 -10.10 22.11
CA SER A 290 -16.44 -10.41 23.28
C SER A 290 -15.15 -9.60 23.26
N VAL A 291 -14.78 -9.07 24.42
CA VAL A 291 -13.57 -8.26 24.52
C VAL A 291 -12.32 -9.06 24.15
N GLU A 292 -12.38 -10.39 24.29
CA GLU A 292 -11.24 -11.21 23.90
C GLU A 292 -10.91 -11.04 22.42
N ARG A 293 -11.93 -10.91 21.57
CA ARG A 293 -11.64 -10.76 20.15
C ARG A 293 -11.06 -9.39 19.83
N PHE A 294 -11.37 -8.39 20.64
CA PHE A 294 -10.74 -7.09 20.44
C PHE A 294 -9.30 -7.12 20.90
N VAL A 295 -9.02 -7.72 22.05
CA VAL A 295 -7.63 -7.75 22.51
C VAL A 295 -6.79 -8.58 21.56
N ILE A 296 -7.35 -9.69 21.04
CA ILE A 296 -6.60 -10.52 20.10
C ILE A 296 -6.28 -9.74 18.83
N GLU A 297 -7.27 -9.02 18.29
CA GLU A 297 -7.02 -8.24 17.09
C GLU A 297 -5.98 -7.15 17.35
N GLU A 298 -6.08 -6.47 18.50
CA GLU A 298 -5.12 -5.42 18.81
C GLU A 298 -3.71 -5.98 18.92
N ASN A 299 -3.56 -7.12 19.61
CA ASN A 299 -2.24 -7.72 19.77
C ASN A 299 -1.67 -8.13 18.42
N LEU A 300 -2.48 -8.75 17.56
CA LEU A 300 -1.99 -9.14 16.25
C LEU A 300 -1.58 -7.91 15.43
N HIS A 301 -2.38 -6.85 15.49
CA HIS A 301 -2.02 -5.63 14.78
C HIS A 301 -0.68 -5.08 15.26
N CYS A 302 -0.47 -5.06 16.58
CA CYS A 302 0.80 -4.57 17.11
C CYS A 302 1.96 -5.46 16.68
N ILE A 303 1.76 -6.77 16.70
CA ILE A 303 2.84 -7.68 16.28
C ILE A 303 3.18 -7.46 14.81
N ILE A 304 2.18 -7.20 13.98
CA ILE A 304 2.46 -6.98 12.56
C ILE A 304 3.11 -5.62 12.36
N LYS A 305 2.78 -4.63 13.19
CA LYS A 305 3.37 -3.30 13.05
C LYS A 305 4.76 -3.21 13.65
N SER A 306 5.14 -4.15 14.52
CA SER A 306 6.46 -4.14 15.14
C SER A 306 7.50 -4.93 14.36
N HIS A 307 7.09 -5.77 13.41
CA HIS A 307 8.01 -6.58 12.63
C HIS A 307 7.67 -6.53 11.14
N TRP A 308 7.15 -5.40 10.67
CA TRP A 308 6.70 -5.31 9.29
C TRP A 308 7.85 -5.30 8.29
N LYS A 309 9.10 -5.19 8.76
CA LYS A 309 10.25 -5.12 7.86
C LYS A 309 10.72 -6.51 7.46
N GLU A 310 10.92 -7.40 8.43
CA GLU A 310 11.34 -8.77 8.17
C GLU A 310 10.11 -9.66 8.14
N ARG A 311 9.74 -10.11 6.94
CA ARG A 311 8.55 -10.94 6.80
C ARG A 311 8.73 -12.27 7.53
N LYS A 312 9.93 -12.84 7.51
CA LYS A 312 10.19 -14.08 8.21
C LYS A 312 9.93 -13.92 9.70
N THR A 313 10.50 -12.88 10.31
CA THR A 313 10.32 -12.66 11.73
C THR A 313 8.86 -12.33 12.06
N CYS A 314 8.20 -11.56 11.20
CA CYS A 314 6.79 -11.26 11.44
C CYS A 314 5.95 -12.53 11.47
N ALA A 315 6.18 -13.42 10.50
CA ALA A 315 5.44 -14.68 10.49
C ALA A 315 5.77 -15.53 11.71
N ALA A 316 7.04 -15.59 12.08
CA ALA A 316 7.43 -16.37 13.25
C ALA A 316 6.75 -15.85 14.51
N GLN A 317 6.71 -14.53 14.68
CA GLN A 317 6.04 -13.95 15.85
C GLN A 317 4.55 -14.23 15.83
N LEU A 318 3.90 -14.07 14.66
CA LEU A 318 2.47 -14.33 14.59
C LEU A 318 2.14 -15.78 14.95
N VAL A 319 2.92 -16.72 14.41
CA VAL A 319 2.59 -18.13 14.61
C VAL A 319 2.72 -18.50 16.09
N SER A 320 3.69 -17.91 16.79
CA SER A 320 3.97 -18.23 18.19
C SER A 320 3.36 -17.21 19.14
N TYR A 321 2.20 -16.68 18.80
CA TYR A 321 1.53 -15.70 19.67
C TYR A 321 0.96 -16.41 20.90
N PRO A 322 1.31 -15.99 22.12
CA PRO A 322 0.81 -16.68 23.31
C PRO A 322 -0.53 -16.12 23.78
N GLY A 323 -1.22 -16.95 24.57
CA GLY A 323 -2.49 -16.55 25.15
C GLY A 323 -2.81 -17.37 26.37
N LYS A 324 -3.63 -16.79 27.25
CA LYS A 324 -4.01 -17.50 28.46
C LYS A 324 -4.78 -18.78 28.15
N ASN A 325 -5.70 -18.71 27.21
CA ASN A 325 -6.51 -19.86 26.79
C ASN A 325 -6.33 -20.10 25.30
N LYS A 326 -6.41 -21.37 24.91
CA LYS A 326 -6.20 -21.73 23.52
C LYS A 326 -7.34 -21.18 22.65
N ILE A 327 -6.97 -20.68 21.47
CA ILE A 327 -7.92 -20.08 20.54
C ILE A 327 -7.54 -20.47 19.12
N PRO A 328 -8.48 -20.32 18.17
CA PRO A 328 -8.15 -20.62 16.78
C PRO A 328 -7.28 -19.52 16.16
N LEU A 329 -5.99 -19.58 16.43
CA LEU A 329 -5.09 -18.49 16.03
C LEU A 329 -4.97 -18.37 14.51
N ASN A 330 -5.18 -19.46 13.77
CA ASN A 330 -5.09 -19.38 12.32
C ASN A 330 -6.14 -18.43 11.76
N TYR A 331 -7.39 -18.62 12.16
CA TYR A 331 -8.47 -17.76 11.69
C TYR A 331 -8.23 -16.32 12.12
N HIS A 332 -7.78 -16.11 13.36
CA HIS A 332 -7.51 -14.74 13.81
C HIS A 332 -6.44 -14.07 12.97
N ILE A 333 -5.35 -14.80 12.66
CA ILE A 333 -4.28 -14.22 11.87
C ILE A 333 -4.79 -13.88 10.48
N VAL A 334 -5.51 -14.79 9.85
CA VAL A 334 -6.00 -14.53 8.49
C VAL A 334 -6.95 -13.35 8.50
N GLU A 335 -7.86 -13.30 9.48
CA GLU A 335 -8.83 -12.22 9.55
C GLU A 335 -8.15 -10.87 9.76
N VAL A 336 -7.16 -10.81 10.67
CA VAL A 336 -6.49 -9.54 10.92
C VAL A 336 -5.70 -9.11 9.70
N ILE A 337 -5.03 -10.05 9.02
CA ILE A 337 -4.26 -9.70 7.83
C ILE A 337 -5.19 -9.15 6.76
N PHE A 338 -6.34 -9.80 6.55
CA PHE A 338 -7.28 -9.31 5.55
C PHE A 338 -7.84 -7.95 5.95
N ALA A 339 -8.07 -7.75 7.26
CA ALA A 339 -8.56 -6.46 7.72
C ALA A 339 -7.55 -5.36 7.43
N GLU A 340 -6.26 -5.62 7.65
CA GLU A 340 -5.24 -4.64 7.28
C GLU A 340 -5.24 -4.39 5.79
N LEU A 341 -5.33 -5.47 4.99
CA LEU A 341 -5.25 -5.31 3.54
C LEU A 341 -6.42 -4.50 3.01
N PHE A 342 -7.63 -4.72 3.54
CA PHE A 342 -8.83 -4.12 2.99
C PHE A 342 -9.21 -2.81 3.66
N GLN A 343 -8.66 -2.49 4.82
CA GLN A 343 -9.13 -1.32 5.54
C GLN A 343 -8.92 -0.06 4.73
N LEU A 344 -9.87 0.85 4.82
CA LEU A 344 -9.83 2.12 4.11
C LEU A 344 -9.44 3.24 5.07
N PRO A 345 -8.81 4.32 4.57
CA PRO A 345 -8.50 4.62 3.17
C PRO A 345 -7.38 3.77 2.58
N ALA A 346 -6.34 3.51 3.37
CA ALA A 346 -5.18 2.78 2.90
C ALA A 346 -4.74 1.79 3.98
N PRO A 347 -4.09 0.70 3.59
CA PRO A 347 -3.64 -0.28 4.59
C PRO A 347 -2.51 0.29 5.42
N PRO A 348 -2.19 -0.33 6.55
CA PRO A 348 -1.03 0.13 7.33
C PRO A 348 0.27 0.07 6.55
N HIS A 349 0.45 -0.91 5.67
CA HIS A 349 1.68 -1.07 4.92
C HIS A 349 1.36 -1.43 3.47
N ILE A 350 2.41 -1.68 2.70
CA ILE A 350 2.28 -1.95 1.27
C ILE A 350 1.68 -3.33 1.05
N ASP A 351 0.69 -3.41 0.15
CA ASP A 351 -0.08 -4.64 -0.04
C ASP A 351 0.82 -5.85 -0.29
N VAL A 352 1.86 -5.69 -1.10
CA VAL A 352 2.75 -6.82 -1.37
C VAL A 352 3.32 -7.36 -0.07
N MET A 353 3.49 -6.50 0.94
CA MET A 353 3.89 -6.98 2.25
C MET A 353 2.91 -8.02 2.79
N TYR A 354 1.61 -7.72 2.70
CA TYR A 354 0.62 -8.63 3.24
C TYR A 354 0.58 -9.93 2.45
N THR A 355 0.65 -9.87 1.12
CA THR A 355 0.62 -11.13 0.38
C THR A 355 1.84 -11.98 0.69
N THR A 356 3.03 -11.37 0.77
CA THR A 356 4.23 -12.12 1.12
C THR A 356 4.14 -12.67 2.53
N LEU A 357 3.55 -11.92 3.46
CA LEU A 357 3.36 -12.40 4.82
C LEU A 357 2.46 -13.62 4.83
N LEU A 358 1.38 -13.59 4.05
CA LEU A 358 0.51 -14.77 3.97
C LEU A 358 1.25 -15.96 3.38
N ILE A 359 2.08 -15.72 2.36
CA ILE A 359 2.85 -16.82 1.77
C ILE A 359 3.77 -17.43 2.82
N GLU A 360 4.46 -16.58 3.58
CA GLU A 360 5.37 -17.09 4.60
C GLU A 360 4.62 -17.84 5.69
N LEU A 361 3.46 -17.32 6.11
CA LEU A 361 2.68 -18.00 7.12
C LEU A 361 2.25 -19.38 6.63
N CYS A 362 1.80 -19.49 5.38
CA CYS A 362 1.50 -20.80 4.82
C CYS A 362 2.73 -21.69 4.85
N LYS A 363 3.90 -21.13 4.55
CA LYS A 363 5.13 -21.92 4.62
C LYS A 363 5.36 -22.47 6.02
N LEU A 364 5.13 -21.65 7.04
CA LEU A 364 5.35 -22.09 8.41
C LEU A 364 4.35 -23.17 8.81
N GLN A 365 3.09 -23.02 8.40
CA GLN A 365 2.00 -23.91 8.82
C GLN A 365 1.28 -24.44 7.59
N PRO A 366 1.96 -25.24 6.77
CA PRO A 366 1.30 -25.78 5.57
C PRO A 366 0.18 -26.75 5.87
N GLY A 367 0.12 -27.32 7.08
CA GLY A 367 -0.87 -28.33 7.37
C GLY A 367 -2.27 -27.79 7.58
N SER A 368 -2.39 -26.59 8.14
CA SER A 368 -3.69 -26.04 8.49
C SER A 368 -4.00 -24.72 7.80
N LEU A 369 -3.03 -23.80 7.72
CA LEU A 369 -3.32 -22.48 7.20
C LEU A 369 -3.83 -22.48 5.76
N PRO A 370 -3.28 -23.26 4.84
CA PRO A 370 -3.79 -23.19 3.45
C PRO A 370 -5.28 -23.44 3.34
N GLN A 371 -5.82 -24.38 4.13
CA GLN A 371 -7.26 -24.60 4.11
C GLN A 371 -8.00 -23.35 4.57
N VAL A 372 -7.51 -22.68 5.62
CA VAL A 372 -8.14 -21.47 6.09
C VAL A 372 -8.10 -20.39 5.01
N LEU A 373 -6.97 -20.27 4.33
CA LEU A 373 -6.85 -19.26 3.28
C LEU A 373 -7.83 -19.54 2.14
N ALA A 374 -7.95 -20.81 1.74
CA ALA A 374 -8.92 -21.16 0.70
C ALA A 374 -10.34 -20.85 1.15
N GLN A 375 -10.66 -21.20 2.40
CA GLN A 375 -11.99 -20.92 2.92
C GLN A 375 -12.29 -19.43 2.90
N ALA A 376 -11.34 -18.61 3.34
CA ALA A 376 -11.53 -17.16 3.31
C ALA A 376 -11.67 -16.66 1.88
N THR A 377 -10.92 -17.25 0.95
CA THR A 377 -11.04 -16.84 -0.46
C THR A 377 -12.46 -17.09 -0.95
N GLU A 378 -12.97 -18.30 -0.74
CA GLU A 378 -14.33 -18.62 -1.18
C GLU A 378 -15.34 -17.73 -0.48
N MET A 379 -15.12 -17.45 0.80
CA MET A 379 -16.06 -16.63 1.56
C MET A 379 -16.11 -15.21 1.01
N LEU A 380 -14.94 -14.63 0.71
CA LEU A 380 -14.90 -13.31 0.09
C LEU A 380 -15.58 -13.33 -1.27
N TYR A 381 -15.37 -14.40 -2.05
CA TYR A 381 -16.01 -14.50 -3.35
C TYR A 381 -17.52 -14.50 -3.20
N MET A 382 -18.05 -15.26 -2.24
CA MET A 382 -19.48 -15.35 -2.01
C MET A 382 -20.12 -14.07 -1.50
N ARG A 383 -19.34 -13.09 -1.03
CA ARG A 383 -19.89 -11.81 -0.60
C ARG A 383 -19.52 -10.67 -1.54
N LEU A 384 -19.19 -10.97 -2.80
CA LEU A 384 -18.76 -9.92 -3.73
C LEU A 384 -19.89 -8.98 -4.11
N ASP A 385 -21.15 -9.33 -3.84
CA ASP A 385 -22.26 -8.55 -4.35
C ASP A 385 -22.34 -7.16 -3.76
N THR A 386 -21.65 -6.90 -2.65
CA THR A 386 -21.72 -5.59 -2.01
C THR A 386 -20.37 -5.03 -1.59
N MET A 387 -19.26 -5.73 -1.82
CA MET A 387 -17.97 -5.25 -1.37
C MET A 387 -17.61 -3.94 -2.07
N ASN A 388 -16.94 -3.05 -1.35
CA ASN A 388 -16.50 -1.79 -1.92
C ASN A 388 -15.55 -2.05 -3.08
N THR A 389 -15.65 -1.22 -4.12
CA THR A 389 -14.85 -1.43 -5.32
C THR A 389 -13.36 -1.36 -5.01
N THR A 390 -12.96 -0.49 -4.08
CA THR A 390 -11.55 -0.42 -3.70
C THR A 390 -11.10 -1.75 -3.09
N CYS A 391 -11.88 -2.27 -2.13
CA CYS A 391 -11.57 -3.58 -1.57
C CYS A 391 -11.61 -4.65 -2.64
N VAL A 392 -12.46 -4.49 -3.64
CA VAL A 392 -12.52 -5.45 -4.75
C VAL A 392 -11.20 -5.42 -5.53
N ASP A 393 -10.69 -4.21 -5.80
CA ASP A 393 -9.42 -4.10 -6.51
C ASP A 393 -8.29 -4.73 -5.72
N ARG A 394 -8.25 -4.47 -4.43
CA ARG A 394 -7.23 -5.06 -3.58
C ARG A 394 -7.34 -6.59 -3.58
N PHE A 395 -8.57 -7.11 -3.49
CA PHE A 395 -8.78 -8.55 -3.52
C PHE A 395 -8.30 -9.14 -4.83
N ILE A 396 -8.63 -8.50 -5.94
CA ILE A 396 -8.24 -9.01 -7.26
C ILE A 396 -6.73 -9.07 -7.37
N ASN A 397 -6.05 -7.95 -7.09
CA ASN A 397 -4.60 -7.91 -7.11
C ASN A 397 -4.00 -9.00 -6.23
N TRP A 398 -4.38 -9.02 -4.94
CA TRP A 398 -3.86 -10.03 -4.03
C TRP A 398 -4.04 -11.43 -4.61
N PHE A 399 -5.28 -11.78 -4.94
CA PHE A 399 -5.59 -13.11 -5.44
C PHE A 399 -4.71 -13.47 -6.62
N SER A 400 -4.65 -12.59 -7.61
CA SER A 400 -3.85 -12.84 -8.81
C SER A 400 -2.41 -13.16 -8.42
N HIS A 401 -1.75 -12.25 -7.71
CA HIS A 401 -0.35 -12.47 -7.34
C HIS A 401 -0.18 -13.76 -6.54
N HIS A 402 -1.07 -13.97 -5.58
CA HIS A 402 -0.94 -15.10 -4.67
C HIS A 402 -1.14 -16.42 -5.40
N LEU A 403 -1.97 -16.42 -6.45
CA LEU A 403 -2.16 -17.65 -7.21
C LEU A 403 -0.96 -17.84 -8.12
N SER A 404 -0.56 -16.77 -8.82
CA SER A 404 0.62 -16.77 -9.67
C SER A 404 1.75 -17.51 -8.96
N ASN A 405 1.94 -17.16 -7.68
CA ASN A 405 2.94 -17.84 -6.85
C ASN A 405 2.75 -19.36 -6.90
N PHE A 406 1.51 -19.84 -6.83
CA PHE A 406 1.24 -21.28 -6.74
C PHE A 406 0.81 -21.88 -8.07
N GLN A 407 1.33 -21.36 -9.18
CA GLN A 407 1.07 -21.87 -10.52
C GLN A 407 -0.43 -21.98 -10.81
N PHE A 408 -1.05 -20.81 -10.90
CA PHE A 408 -2.47 -20.60 -11.19
C PHE A 408 -3.29 -21.88 -11.06
N ARG A 409 -3.40 -22.41 -9.84
CA ARG A 409 -4.04 -23.70 -9.61
C ARG A 409 -5.31 -23.54 -8.76
N TRP A 410 -6.37 -23.01 -9.36
CA TRP A 410 -7.63 -22.82 -8.64
C TRP A 410 -8.72 -23.71 -9.22
N SER A 411 -9.70 -24.03 -8.37
CA SER A 411 -10.84 -24.85 -8.74
C SER A 411 -11.96 -23.97 -9.30
N TRP A 412 -11.72 -23.45 -10.50
CA TRP A 412 -12.66 -22.49 -11.11
C TRP A 412 -14.06 -23.06 -11.24
N GLU A 413 -14.19 -24.38 -11.41
CA GLU A 413 -15.52 -24.99 -11.52
C GLU A 413 -16.42 -24.67 -10.33
N ASP A 414 -15.84 -24.56 -9.13
CA ASP A 414 -16.62 -24.20 -7.94
C ASP A 414 -17.30 -22.85 -8.09
N TRP A 415 -16.80 -21.98 -8.95
CA TRP A 415 -17.38 -20.67 -9.21
C TRP A 415 -18.17 -20.63 -10.51
N SER A 416 -18.60 -21.77 -11.02
CA SER A 416 -19.33 -21.74 -12.28
C SER A 416 -20.60 -20.91 -12.17
N ASP A 417 -21.03 -20.58 -10.96
CA ASP A 417 -22.23 -19.77 -10.81
C ASP A 417 -22.13 -18.45 -11.58
N CYS A 418 -20.92 -17.87 -11.70
CA CYS A 418 -20.89 -16.57 -12.36
C CYS A 418 -21.40 -16.67 -13.78
N LEU A 419 -21.25 -17.83 -14.41
CA LEU A 419 -21.71 -17.99 -15.79
C LEU A 419 -23.23 -17.83 -15.87
N SER A 420 -23.96 -18.40 -14.91
CA SER A 420 -25.42 -18.35 -14.97
C SER A 420 -25.94 -16.93 -14.90
N GLN A 421 -25.35 -16.10 -14.02
CA GLN A 421 -25.85 -14.76 -13.79
C GLN A 421 -25.29 -13.78 -14.83
N ASP A 422 -25.64 -12.50 -14.65
CA ASP A 422 -25.34 -11.50 -15.67
C ASP A 422 -23.84 -11.37 -15.85
N PRO A 423 -23.36 -11.14 -17.07
CA PRO A 423 -21.90 -10.95 -17.25
C PRO A 423 -21.34 -9.74 -16.52
N GLU A 424 -22.14 -8.68 -16.33
CA GLU A 424 -21.67 -7.49 -15.65
C GLU A 424 -21.83 -7.58 -14.13
N SER A 425 -22.40 -8.68 -13.62
CA SER A 425 -22.57 -8.83 -12.19
C SER A 425 -21.21 -8.88 -11.50
N PRO A 426 -21.14 -8.48 -10.23
CA PRO A 426 -19.83 -8.38 -9.57
C PRO A 426 -19.01 -9.66 -9.61
N LYS A 427 -19.62 -10.83 -9.43
CA LYS A 427 -18.83 -12.08 -9.45
C LYS A 427 -18.20 -12.36 -10.80
N PRO A 428 -18.94 -12.37 -11.92
CA PRO A 428 -18.28 -12.56 -13.21
C PRO A 428 -17.30 -11.48 -13.56
N LYS A 429 -17.58 -10.23 -13.18
CA LYS A 429 -16.62 -9.16 -13.42
C LYS A 429 -15.33 -9.40 -12.66
N PHE A 430 -15.44 -9.82 -11.40
CA PHE A 430 -14.25 -10.15 -10.62
C PHE A 430 -13.49 -11.28 -11.25
N VAL A 431 -14.20 -12.30 -11.75
CA VAL A 431 -13.53 -13.43 -12.38
C VAL A 431 -12.77 -12.98 -13.62
N ARG A 432 -13.41 -12.14 -14.45
CA ARG A 432 -12.76 -11.67 -15.66
C ARG A 432 -11.53 -10.84 -15.34
N GLU A 433 -11.63 -9.96 -14.34
CA GLU A 433 -10.49 -9.14 -13.96
C GLU A 433 -9.35 -9.99 -13.40
N VAL A 434 -9.68 -11.00 -12.60
CA VAL A 434 -8.66 -11.89 -12.07
C VAL A 434 -7.97 -12.62 -13.20
N LEU A 435 -8.74 -13.10 -14.17
CA LEU A 435 -8.12 -13.78 -15.31
C LEU A 435 -7.23 -12.84 -16.11
N GLU A 436 -7.68 -11.59 -16.29
CA GLU A 436 -6.85 -10.62 -17.01
C GLU A 436 -5.55 -10.35 -16.29
N LYS A 437 -5.61 -10.16 -14.97
CA LYS A 437 -4.38 -9.95 -14.20
C LYS A 437 -3.49 -11.17 -14.24
N CYS A 438 -4.07 -12.36 -14.15
CA CYS A 438 -3.29 -13.58 -14.23
C CYS A 438 -2.58 -13.68 -15.57
N MET A 439 -3.27 -13.31 -16.65
CA MET A 439 -2.63 -13.25 -17.96
C MET A 439 -1.50 -12.22 -17.96
N ARG A 440 -1.70 -11.10 -17.27
CA ARG A 440 -0.66 -10.09 -17.21
C ARG A 440 0.63 -10.65 -16.62
N LEU A 441 0.52 -11.67 -15.76
CA LEU A 441 1.68 -12.35 -15.19
C LEU A 441 2.05 -13.61 -15.95
N SER A 442 1.42 -13.86 -17.09
CA SER A 442 1.65 -15.08 -17.86
C SER A 442 1.35 -14.78 -19.32
N TYR A 443 1.06 -15.82 -20.10
CA TYR A 443 0.68 -15.66 -21.49
C TYR A 443 -0.74 -16.16 -21.70
N HIS A 444 -1.37 -15.62 -22.77
CA HIS A 444 -2.75 -15.94 -23.08
C HIS A 444 -2.99 -17.45 -23.16
N GLN A 445 -2.10 -18.18 -23.83
CA GLN A 445 -2.26 -19.63 -23.93
C GLN A 445 -2.30 -20.27 -22.56
N ARG A 446 -1.45 -19.80 -21.63
CA ARG A 446 -1.47 -20.34 -20.29
C ARG A 446 -2.85 -20.19 -19.65
N ILE A 447 -3.39 -18.97 -19.70
CA ILE A 447 -4.71 -18.71 -19.14
C ILE A 447 -5.74 -19.66 -19.76
N LEU A 448 -5.73 -19.78 -21.09
CA LEU A 448 -6.66 -20.69 -21.75
C LEU A 448 -6.53 -22.10 -21.18
N ASP A 449 -5.32 -22.66 -21.22
CA ASP A 449 -5.11 -24.02 -20.72
C ASP A 449 -5.62 -24.19 -19.30
N ILE A 450 -5.35 -23.23 -18.42
CA ILE A 450 -5.74 -23.38 -17.02
C ILE A 450 -7.26 -23.26 -16.86
N VAL A 451 -7.87 -22.30 -17.53
CA VAL A 451 -9.29 -22.00 -17.27
C VAL A 451 -10.15 -23.10 -17.87
N PRO A 452 -11.18 -23.57 -17.17
CA PRO A 452 -12.09 -24.58 -17.75
C PRO A 452 -12.68 -24.11 -19.07
N PRO A 453 -13.05 -25.04 -19.95
CA PRO A 453 -13.59 -24.62 -21.26
C PRO A 453 -14.84 -23.75 -21.14
N THR A 454 -15.74 -24.06 -20.20
CA THR A 454 -16.98 -23.31 -20.11
C THR A 454 -16.75 -21.87 -19.68
N PHE A 455 -15.57 -21.58 -19.16
CA PHE A 455 -15.19 -20.23 -18.74
C PHE A 455 -14.53 -19.44 -19.86
N SER A 456 -14.37 -20.06 -21.05
CA SER A 456 -13.67 -19.40 -22.14
C SER A 456 -14.28 -18.05 -22.52
N ALA A 457 -15.59 -17.89 -22.35
CA ALA A 457 -16.23 -16.62 -22.66
C ALA A 457 -15.72 -15.48 -21.78
N LEU A 458 -15.11 -15.81 -20.64
CA LEU A 458 -14.60 -14.80 -19.72
C LEU A 458 -13.14 -14.45 -19.98
N CYS A 459 -12.38 -15.34 -20.61
CA CYS A 459 -10.96 -15.14 -20.78
C CYS A 459 -10.69 -13.87 -21.60
N PRO A 460 -9.65 -13.10 -21.25
CA PRO A 460 -9.39 -11.86 -21.98
C PRO A 460 -8.97 -12.10 -23.41
N ALA A 461 -9.22 -11.11 -24.26
CA ALA A 461 -8.89 -11.20 -25.67
C ALA A 461 -7.39 -11.32 -25.87
N ASN A 462 -7.00 -11.96 -26.96
CA ASN A 462 -5.59 -12.16 -27.25
C ASN A 462 -4.89 -10.82 -27.48
N PRO A 463 -3.71 -10.58 -26.89
CA PRO A 463 -3.04 -9.27 -27.04
C PRO A 463 -2.26 -9.12 -28.35
N THR A 464 -2.98 -8.79 -29.41
CA THR A 464 -2.39 -8.64 -30.73
C THR A 464 -2.63 -7.22 -31.25
N CYS A 465 -1.64 -6.68 -31.93
CA CYS A 465 -1.77 -5.36 -32.54
C CYS A 465 -2.81 -5.39 -33.65
N ILE A 466 -3.58 -4.31 -33.76
CA ILE A 466 -4.60 -4.17 -34.81
C ILE A 466 -4.16 -3.02 -35.70
N TYR A 467 -3.45 -3.34 -36.77
CA TYR A 467 -2.94 -2.35 -37.71
C TYR A 467 -4.03 -2.08 -38.75
N LYS A 468 -4.65 -0.90 -38.67
CA LYS A 468 -5.73 -0.57 -39.60
C LYS A 468 -5.25 -0.56 -41.05
N TYR A 469 -3.97 -0.29 -41.29
CA TYR A 469 -3.45 -0.13 -42.65
C TYR A 469 -2.79 -1.41 -43.14
N GLY A 470 -3.30 -2.57 -42.75
CA GLY A 470 -2.76 -3.83 -43.20
C GLY A 470 -2.95 -4.02 -44.69
N ASP A 471 -2.22 -5.00 -45.24
CA ASP A 471 -2.32 -5.25 -46.67
C ASP A 471 -3.74 -5.56 -47.08
N GLU A 472 -4.44 -6.38 -46.30
CA GLU A 472 -5.84 -6.68 -46.59
C GLU A 472 -6.72 -5.43 -46.56
N SER A 473 -6.32 -4.41 -45.80
CA SER A 473 -7.13 -3.20 -45.71
C SER A 473 -7.29 -2.56 -47.10
N SER A 474 -8.51 -2.10 -47.37
CA SER A 474 -8.80 -1.48 -48.65
C SER A 474 -8.02 -0.17 -48.82
N ASN A 475 -7.66 0.12 -50.07
CA ASN A 475 -6.96 1.35 -50.40
C ASN A 475 -7.84 2.59 -50.33
N SER A 476 -9.15 2.42 -50.19
CA SER A 476 -10.06 3.58 -50.21
C SER A 476 -9.77 4.53 -49.06
N LEU A 477 -9.49 3.99 -47.88
CA LEU A 477 -9.27 4.86 -46.72
C LEU A 477 -8.08 5.79 -46.98
N PRO A 478 -8.18 7.06 -46.63
CA PRO A 478 -7.08 7.99 -46.94
C PRO A 478 -5.81 7.64 -46.19
N GLY A 479 -4.68 7.99 -46.81
CA GLY A 479 -3.39 7.88 -46.16
C GLY A 479 -2.73 6.52 -46.22
N HIS A 480 -3.29 5.57 -46.96
CA HIS A 480 -2.65 4.26 -47.05
C HIS A 480 -1.27 4.37 -47.68
N SER A 481 -1.14 5.17 -48.74
CA SER A 481 0.17 5.38 -49.35
C SER A 481 1.14 6.02 -48.37
N VAL A 482 0.67 7.02 -47.62
CA VAL A 482 1.51 7.66 -46.62
C VAL A 482 1.90 6.65 -45.55
N ALA A 483 0.98 5.76 -45.18
CA ALA A 483 1.30 4.74 -44.19
C ALA A 483 2.39 3.81 -44.70
N LEU A 484 2.29 3.38 -45.96
CA LEU A 484 3.34 2.53 -46.52
C LEU A 484 4.67 3.26 -46.58
N CYS A 485 4.65 4.54 -46.94
CA CYS A 485 5.87 5.32 -47.00
C CYS A 485 6.52 5.42 -45.62
N LEU A 486 5.71 5.66 -44.58
CA LEU A 486 6.24 5.70 -43.22
C LEU A 486 6.79 4.34 -42.82
N ALA A 487 6.12 3.27 -43.21
CA ALA A 487 6.61 1.93 -42.89
C ALA A 487 7.98 1.69 -43.50
N VAL A 488 8.15 2.07 -44.77
CA VAL A 488 9.43 1.90 -45.44
C VAL A 488 10.49 2.77 -44.77
N ALA A 489 10.12 4.01 -44.42
CA ALA A 489 11.06 4.90 -43.77
C ALA A 489 11.51 4.32 -42.43
N PHE A 490 10.58 3.77 -41.66
CA PHE A 490 10.94 3.15 -40.39
C PHE A 490 11.91 2.00 -40.59
N LYS A 491 11.67 1.14 -41.59
CA LYS A 491 12.68 0.14 -41.87
C LYS A 491 13.98 0.75 -42.37
N SER A 492 13.96 1.99 -42.85
CA SER A 492 15.15 2.64 -43.39
C SER A 492 15.79 3.62 -42.41
N LYS A 493 15.43 3.56 -41.13
CA LYS A 493 16.05 4.41 -40.11
C LYS A 493 15.97 5.88 -40.50
N ALA A 494 14.79 6.30 -40.95
CA ALA A 494 14.60 7.68 -41.38
C ALA A 494 14.71 8.65 -40.20
N THR A 495 15.08 9.88 -40.51
CA THR A 495 15.19 10.94 -39.53
C THR A 495 13.88 11.73 -39.46
N ASN A 496 13.82 12.64 -38.48
CA ASN A 496 12.59 13.39 -38.24
C ASN A 496 12.19 14.22 -39.46
N ASP A 497 13.15 14.88 -40.10
CA ASP A 497 12.82 15.72 -41.25
C ASP A 497 12.24 14.88 -42.39
N GLU A 498 12.79 13.69 -42.62
CA GLU A 498 12.23 12.82 -43.64
C GLU A 498 10.78 12.47 -43.33
N ILE A 499 10.49 12.17 -42.07
CA ILE A 499 9.11 11.83 -41.69
C ILE A 499 8.21 13.04 -41.87
N PHE A 500 8.73 14.24 -41.58
CA PHE A 500 7.95 15.46 -41.79
C PHE A 500 7.58 15.60 -43.26
N SER A 501 8.55 15.37 -44.14
CA SER A 501 8.28 15.44 -45.58
C SER A 501 7.26 14.39 -45.99
N ILE A 502 7.39 13.18 -45.45
CA ILE A 502 6.44 12.11 -45.78
C ILE A 502 5.03 12.50 -45.36
N LEU A 503 4.90 13.08 -44.15
CA LEU A 503 3.60 13.46 -43.63
C LEU A 503 3.04 14.73 -44.26
N LYS A 504 3.86 15.51 -44.98
CA LYS A 504 3.37 16.76 -45.53
C LYS A 504 2.25 16.52 -46.53
N ASP A 505 2.37 15.48 -47.35
CA ASP A 505 1.38 15.20 -48.40
C ASP A 505 0.27 14.31 -47.84
N VAL A 506 -0.48 14.87 -46.90
CA VAL A 506 -1.63 14.20 -46.29
C VAL A 506 -2.84 15.11 -46.47
N PRO A 507 -3.96 14.62 -47.00
CA PRO A 507 -5.12 15.49 -47.23
C PRO A 507 -5.83 15.88 -45.94
N ASN A 508 -5.74 17.14 -45.55
CA ASN A 508 -6.44 17.60 -44.36
C ASN A 508 -7.94 17.56 -44.61
N PRO A 509 -8.74 16.98 -43.70
CA PRO A 509 -10.19 16.97 -43.94
C PRO A 509 -10.82 18.35 -43.80
N SER A 520 -4.01 24.12 -37.30
CA SER A 520 -2.74 23.58 -36.82
C SER A 520 -2.93 22.18 -36.25
N PHE A 521 -3.95 21.47 -36.73
CA PHE A 521 -4.25 20.13 -36.25
C PHE A 521 -4.86 19.34 -37.40
N ASN A 522 -4.23 18.22 -37.75
CA ASN A 522 -4.72 17.32 -38.80
C ASN A 522 -4.98 15.95 -38.20
N PRO A 523 -6.21 15.62 -37.81
CA PRO A 523 -6.44 14.31 -37.17
C PRO A 523 -5.99 13.13 -38.01
N LEU A 524 -6.14 13.20 -39.33
CA LEU A 524 -5.68 12.11 -40.19
C LEU A 524 -4.16 11.96 -40.10
N LYS A 525 -3.44 13.08 -40.07
CA LYS A 525 -1.98 13.03 -39.99
C LYS A 525 -1.54 12.28 -38.74
N ILE A 526 -2.06 12.68 -37.58
CA ILE A 526 -1.71 12.03 -36.33
C ILE A 526 -2.12 10.57 -36.37
N GLU A 527 -3.32 10.29 -36.88
CA GLU A 527 -3.80 8.91 -36.94
C GLU A 527 -2.82 8.04 -37.71
N VAL A 528 -2.50 8.42 -38.95
CA VAL A 528 -1.63 7.58 -39.78
C VAL A 528 -0.25 7.44 -39.12
N PHE A 529 0.30 8.55 -38.62
CA PHE A 529 1.63 8.51 -38.04
C PHE A 529 1.66 7.58 -36.83
N VAL A 530 0.87 7.90 -35.80
CA VAL A 530 0.85 7.08 -34.60
C VAL A 530 0.59 5.62 -34.94
N GLN A 531 -0.43 5.36 -35.76
CA GLN A 531 -0.75 3.99 -36.15
C GLN A 531 0.49 3.26 -36.67
N THR A 532 1.10 3.79 -37.73
CA THR A 532 2.29 3.16 -38.30
C THR A 532 3.35 2.93 -37.23
N LEU A 533 3.74 4.01 -36.53
CA LEU A 533 4.77 3.92 -35.50
C LEU A 533 4.49 2.77 -34.56
N LEU A 534 3.33 2.80 -33.91
CA LEU A 534 2.99 1.79 -32.91
C LEU A 534 3.07 0.40 -33.54
N HIS A 535 2.52 0.24 -34.74
CA HIS A 535 2.53 -1.08 -35.39
C HIS A 535 3.96 -1.61 -35.52
N LEU A 536 4.88 -0.77 -36.00
CA LEU A 536 6.25 -1.24 -36.19
C LEU A 536 6.91 -1.57 -34.86
N ALA A 537 6.62 -0.81 -33.81
CA ALA A 537 7.20 -1.04 -32.49
C ALA A 537 6.24 -1.82 -31.60
N ALA A 538 5.74 -2.94 -32.11
CA ALA A 538 4.70 -3.74 -31.46
C ALA A 538 5.14 -5.18 -31.26
N LYS A 539 6.39 -5.40 -30.83
CA LYS A 539 6.83 -6.72 -30.43
C LYS A 539 7.41 -6.78 -29.03
N SER A 540 7.51 -5.64 -28.33
CA SER A 540 7.96 -5.63 -26.94
C SER A 540 7.78 -4.22 -26.39
N PHE A 541 7.68 -4.13 -25.07
CA PHE A 541 7.52 -2.84 -24.41
C PHE A 541 8.72 -1.94 -24.69
N SER A 542 9.93 -2.49 -24.60
CA SER A 542 11.13 -1.67 -24.73
C SER A 542 11.23 -1.03 -26.11
N HIS A 543 10.88 -1.77 -27.16
CA HIS A 543 10.85 -1.16 -28.48
C HIS A 543 9.86 0.00 -28.55
N SER A 544 8.70 -0.15 -27.89
CA SER A 544 7.74 0.94 -27.85
C SER A 544 8.32 2.15 -27.14
N PHE A 545 9.01 1.94 -26.02
CA PHE A 545 9.66 3.05 -25.32
C PHE A 545 10.68 3.73 -26.22
N SER A 546 11.49 2.94 -26.91
CA SER A 546 12.52 3.51 -27.76
C SER A 546 11.92 4.31 -28.91
N ALA A 547 10.87 3.78 -29.54
CA ALA A 547 10.21 4.51 -30.62
C ALA A 547 9.61 5.81 -30.10
N LEU A 548 8.95 5.77 -28.94
CA LEU A 548 8.34 7.00 -28.42
C LEU A 548 9.40 8.03 -28.06
N ALA A 549 10.49 7.62 -27.43
CA ALA A 549 11.52 8.57 -27.02
C ALA A 549 12.27 9.12 -28.23
N LYS A 550 12.70 8.24 -29.13
CA LYS A 550 13.42 8.69 -30.31
C LYS A 550 12.60 9.69 -31.11
N PHE A 551 11.36 9.36 -31.41
CA PHE A 551 10.47 10.23 -32.19
C PHE A 551 9.50 10.99 -31.28
N HIS A 552 9.97 11.51 -30.15
CA HIS A 552 9.08 12.26 -29.27
C HIS A 552 8.92 13.71 -29.69
N GLU A 553 9.72 14.17 -30.65
CA GLU A 553 9.59 15.54 -31.11
C GLU A 553 8.53 15.64 -32.20
N VAL A 554 8.21 14.52 -32.85
CA VAL A 554 7.14 14.53 -33.83
C VAL A 554 5.81 14.51 -33.10
N PHE A 555 5.73 13.72 -32.03
CA PHE A 555 4.56 13.76 -31.16
C PHE A 555 4.40 15.15 -30.57
N LYS A 556 5.49 15.74 -30.09
CA LYS A 556 5.39 17.04 -29.43
C LYS A 556 4.93 18.13 -30.41
N THR A 557 5.42 18.10 -31.65
CA THR A 557 5.00 19.10 -32.62
C THR A 557 3.59 18.84 -33.14
N LEU A 558 3.22 17.58 -33.31
CA LEU A 558 1.91 17.24 -33.85
C LEU A 558 0.80 17.31 -32.82
N ALA A 559 1.11 17.22 -31.53
CA ALA A 559 0.11 17.20 -30.47
C ALA A 559 0.19 18.46 -29.61
N GLU A 560 0.40 19.61 -30.25
CA GLU A 560 0.46 20.86 -29.51
C GLU A 560 -0.86 21.14 -28.80
N SER A 561 -1.98 20.90 -29.49
CA SER A 561 -3.30 21.16 -28.91
C SER A 561 -3.74 19.97 -28.06
N ASP A 562 -4.45 20.26 -26.97
CA ASP A 562 -5.00 19.20 -26.14
C ASP A 562 -5.91 18.27 -26.94
N GLU A 563 -6.61 18.81 -27.95
CA GLU A 563 -7.37 17.95 -28.84
C GLU A 563 -6.45 16.96 -29.55
N GLY A 564 -5.26 17.42 -29.95
CA GLY A 564 -4.30 16.50 -30.54
C GLY A 564 -3.86 15.43 -29.57
N LYS A 565 -3.65 15.81 -28.31
CA LYS A 565 -3.27 14.83 -27.30
C LYS A 565 -4.36 13.78 -27.12
N LEU A 566 -5.61 14.23 -27.08
CA LEU A 566 -6.72 13.29 -26.99
C LEU A 566 -6.77 12.37 -28.20
N HIS A 567 -6.53 12.92 -29.39
CA HIS A 567 -6.54 12.10 -30.59
C HIS A 567 -5.43 11.04 -30.54
N VAL A 568 -4.24 11.42 -30.06
CA VAL A 568 -3.16 10.44 -29.94
C VAL A 568 -3.55 9.34 -28.95
N LEU A 569 -4.16 9.72 -27.83
CA LEU A 569 -4.61 8.72 -26.88
C LEU A 569 -5.64 7.78 -27.51
N ARG A 570 -6.59 8.35 -28.26
CA ARG A 570 -7.63 7.53 -28.88
C ARG A 570 -7.03 6.56 -29.89
N VAL A 571 -6.11 7.03 -30.73
CA VAL A 571 -5.48 6.15 -31.72
C VAL A 571 -4.68 5.05 -31.03
N MET A 572 -3.94 5.42 -29.99
CA MET A 572 -3.18 4.44 -29.24
C MET A 572 -4.10 3.38 -28.66
N PHE A 573 -5.25 3.80 -28.14
CA PHE A 573 -6.23 2.83 -27.66
C PHE A 573 -6.71 1.91 -28.79
N GLU A 574 -7.01 2.47 -29.96
CA GLU A 574 -7.48 1.62 -31.06
C GLU A 574 -6.42 0.59 -31.44
N VAL A 575 -5.15 0.97 -31.42
CA VAL A 575 -4.10 0.06 -31.84
C VAL A 575 -3.98 -1.10 -30.88
N TRP A 576 -3.95 -0.81 -29.58
CA TRP A 576 -3.83 -1.81 -28.52
C TRP A 576 -5.10 -1.81 -27.69
N ARG A 577 -6.14 -2.51 -28.16
CA ARG A 577 -7.38 -2.60 -27.41
C ARG A 577 -7.62 -3.99 -26.86
N ASN A 578 -6.75 -4.95 -27.18
CA ASN A 578 -6.80 -6.30 -26.66
C ASN A 578 -5.69 -6.55 -25.65
N HIS A 579 -5.17 -5.48 -25.04
CA HIS A 579 -4.02 -5.59 -24.16
C HIS A 579 -3.95 -4.37 -23.25
N PRO A 580 -4.70 -4.36 -22.14
CA PRO A 580 -4.71 -3.17 -21.27
C PRO A 580 -3.36 -2.80 -20.69
N GLN A 581 -2.48 -3.76 -20.44
CA GLN A 581 -1.18 -3.44 -19.85
C GLN A 581 -0.40 -2.52 -20.77
N MET A 582 -0.42 -2.79 -22.07
CA MET A 582 0.23 -1.90 -23.02
C MET A 582 -0.34 -0.50 -22.92
N ILE A 583 -1.68 -0.38 -22.86
CA ILE A 583 -2.28 0.94 -22.66
C ILE A 583 -1.64 1.63 -21.47
N ALA A 584 -1.63 0.96 -20.32
CA ALA A 584 -1.12 1.58 -19.10
C ALA A 584 0.32 2.02 -19.24
N VAL A 585 1.18 1.13 -19.73
CA VAL A 585 2.61 1.45 -19.79
C VAL A 585 2.88 2.50 -20.85
N LEU A 586 2.15 2.49 -21.97
CA LEU A 586 2.38 3.48 -23.01
C LEU A 586 1.89 4.85 -22.59
N VAL A 587 0.82 4.91 -21.78
CA VAL A 587 0.39 6.23 -21.35
C VAL A 587 1.27 6.72 -20.21
N ASP A 588 1.87 5.78 -19.46
CA ASP A 588 2.83 6.19 -18.43
C ASP A 588 4.06 6.79 -19.10
N LYS A 589 4.50 6.20 -20.21
CA LYS A 589 5.71 6.70 -20.86
C LYS A 589 5.42 8.00 -21.60
N MET A 590 4.24 8.10 -22.24
CA MET A 590 3.86 9.34 -22.88
C MET A 590 3.78 10.48 -21.88
N ILE A 591 3.22 10.22 -20.69
CA ILE A 591 3.13 11.27 -19.69
C ILE A 591 4.52 11.66 -19.19
N ARG A 592 5.37 10.67 -18.92
CA ARG A 592 6.71 11.00 -18.44
C ARG A 592 7.47 11.83 -19.46
N THR A 593 7.34 11.50 -20.75
CA THR A 593 7.97 12.26 -21.82
C THR A 593 7.22 13.56 -22.13
N GLN A 594 6.26 13.95 -21.29
CA GLN A 594 5.40 15.11 -21.56
C GLN A 594 4.89 15.12 -22.99
N ILE A 595 4.62 13.93 -23.53
CA ILE A 595 3.90 13.84 -24.80
C ILE A 595 2.46 14.32 -24.62
N VAL A 596 1.81 13.86 -23.56
CA VAL A 596 0.44 14.25 -23.22
C VAL A 596 0.38 14.56 -21.73
N ASP A 597 -0.19 15.71 -21.38
CA ASP A 597 -0.30 16.08 -19.99
C ASP A 597 -1.36 15.22 -19.30
N CYS A 598 -1.35 15.25 -17.96
CA CYS A 598 -2.27 14.40 -17.21
C CYS A 598 -3.72 14.79 -17.43
N ALA A 599 -3.99 16.08 -17.68
CA ALA A 599 -5.36 16.47 -17.96
C ALA A 599 -5.89 15.76 -19.20
N ALA A 600 -5.06 15.63 -20.23
CA ALA A 600 -5.48 14.90 -21.44
C ALA A 600 -5.78 13.45 -21.11
N VAL A 601 -5.00 12.84 -20.23
CA VAL A 601 -5.23 11.45 -19.83
C VAL A 601 -6.38 11.34 -18.85
N ALA A 602 -6.90 12.49 -18.38
CA ALA A 602 -8.06 12.54 -17.51
C ALA A 602 -9.33 12.63 -18.34
N ASN A 603 -9.29 13.46 -19.39
CA ASN A 603 -10.43 13.65 -20.28
C ASN A 603 -10.61 12.47 -21.24
N TRP A 604 -9.62 11.59 -21.34
CA TRP A 604 -9.68 10.44 -22.22
C TRP A 604 -10.31 9.22 -21.55
N ILE A 605 -10.29 9.16 -20.22
CA ILE A 605 -10.88 8.05 -19.50
C ILE A 605 -12.40 8.21 -19.40
N PHE A 606 -12.88 9.45 -19.49
CA PHE A 606 -14.29 9.78 -19.42
C PHE A 606 -14.91 9.97 -20.81
N SER A 607 -14.13 9.69 -21.85
CA SER A 607 -14.55 9.82 -23.23
C SER A 607 -15.51 8.70 -23.61
N SER A 608 -16.24 8.91 -24.71
CA SER A 608 -17.23 7.96 -25.18
C SER A 608 -16.62 6.75 -25.85
N GLU A 609 -15.33 6.80 -26.17
CA GLU A 609 -14.64 5.66 -26.76
C GLU A 609 -14.41 4.56 -25.73
N LEU A 610 -14.21 4.92 -24.47
CA LEU A 610 -13.93 3.97 -23.41
C LEU A 610 -15.15 3.64 -22.57
N SER A 611 -16.34 4.08 -22.99
CA SER A 611 -17.54 3.80 -22.22
C SER A 611 -17.72 2.30 -22.00
N ARG A 612 -17.45 1.49 -23.02
CA ARG A 612 -17.61 0.05 -22.89
C ARG A 612 -16.57 -0.54 -21.94
N ASP A 613 -15.43 0.11 -21.81
CA ASP A 613 -14.32 -0.35 -20.97
C ASP A 613 -14.14 0.55 -19.76
N PHE A 614 -15.18 1.29 -19.38
CA PHE A 614 -15.08 2.20 -18.24
C PHE A 614 -14.93 1.48 -16.91
N THR A 615 -15.62 0.36 -16.72
CA THR A 615 -15.58 -0.36 -15.44
C THR A 615 -14.39 -1.30 -15.31
N ARG A 616 -13.56 -1.44 -16.33
CA ARG A 616 -12.40 -2.32 -16.23
C ARG A 616 -11.34 -1.74 -15.32
N LEU A 617 -10.53 -2.63 -14.73
CA LEU A 617 -9.51 -2.21 -13.77
C LEU A 617 -8.46 -1.32 -14.42
N PHE A 618 -8.00 -1.67 -15.61
CA PHE A 618 -6.85 -0.98 -16.18
C PHE A 618 -7.09 0.51 -16.26
N VAL A 619 -8.33 0.92 -16.53
CA VAL A 619 -8.64 2.34 -16.64
C VAL A 619 -8.34 3.06 -15.34
N TRP A 620 -8.80 2.49 -14.22
CA TRP A 620 -8.60 3.11 -12.92
C TRP A 620 -7.17 2.99 -12.45
N GLU A 621 -6.49 1.90 -12.79
CA GLU A 621 -5.06 1.80 -12.51
C GLU A 621 -4.30 2.90 -13.23
N ILE A 622 -4.65 3.15 -14.50
CA ILE A 622 -4.02 4.21 -15.25
C ILE A 622 -4.28 5.56 -14.59
N LEU A 623 -5.53 5.80 -14.19
CA LEU A 623 -5.84 7.08 -13.56
C LEU A 623 -5.03 7.27 -12.29
N HIS A 624 -4.98 6.23 -11.46
CA HIS A 624 -4.25 6.33 -10.19
C HIS A 624 -2.76 6.53 -10.43
N SER A 625 -2.21 5.83 -11.44
CA SER A 625 -0.80 6.01 -11.74
C SER A 625 -0.50 7.43 -12.19
N THR A 626 -1.36 8.00 -13.02
CA THR A 626 -1.14 9.39 -13.44
C THR A 626 -1.20 10.34 -12.25
N ILE A 627 -2.16 10.16 -11.35
CA ILE A 627 -2.21 11.01 -10.16
C ILE A 627 -0.94 10.84 -9.34
N ARG A 628 -0.49 9.59 -9.18
CA ARG A 628 0.72 9.35 -8.39
C ARG A 628 1.94 10.03 -9.00
N LYS A 629 2.12 9.93 -10.32
CA LYS A 629 3.24 10.62 -10.93
C LYS A 629 3.13 12.13 -10.75
N MET A 630 1.94 12.68 -10.93
CA MET A 630 1.76 14.11 -10.76
C MET A 630 2.14 14.54 -9.35
N ASN A 631 1.71 13.76 -8.35
CA ASN A 631 2.00 14.09 -6.96
C ASN A 631 3.48 13.96 -6.66
N LYS A 632 4.12 12.92 -7.18
CA LYS A 632 5.56 12.77 -6.97
C LYS A 632 6.32 13.93 -7.60
N HIS A 633 5.89 14.38 -8.78
CA HIS A 633 6.54 15.52 -9.42
C HIS A 633 6.41 16.76 -8.56
N VAL A 634 5.21 17.01 -8.03
CA VAL A 634 5.00 18.19 -7.20
C VAL A 634 5.87 18.11 -5.95
N LEU A 635 5.90 16.94 -5.31
CA LEU A 635 6.71 16.77 -4.11
C LEU A 635 8.20 16.94 -4.41
N LYS A 636 8.64 16.42 -5.55
CA LYS A 636 10.06 16.53 -5.91
C LYS A 636 10.46 17.98 -6.13
N ILE A 637 9.63 18.73 -6.84
CA ILE A 637 9.96 20.15 -7.06
C ILE A 637 9.93 20.90 -5.73
N GLN A 638 8.95 20.60 -4.87
CA GLN A 638 8.91 21.24 -3.56
C GLN A 638 10.18 20.93 -2.77
N LYS A 639 10.62 19.67 -2.79
CA LYS A 639 11.83 19.30 -2.07
C LYS A 639 13.04 20.03 -2.63
N GLU A 640 13.12 20.16 -3.95
CA GLU A 640 14.21 20.92 -4.55
C GLU A 640 14.21 22.36 -4.06
N LEU A 641 13.02 22.98 -4.02
CA LEU A 641 12.94 24.35 -3.51
C LEU A 641 13.36 24.43 -2.05
N GLU A 642 12.95 23.44 -1.25
CA GLU A 642 13.32 23.43 0.16
C GLU A 642 14.83 23.34 0.33
N GLU A 643 15.46 22.45 -0.44
CA GLU A 643 16.91 22.31 -0.36
C GLU A 643 17.61 23.60 -0.78
N ALA A 644 17.14 24.21 -1.87
CA ALA A 644 17.76 25.46 -2.32
C ALA A 644 17.62 26.55 -1.27
N LYS A 645 16.43 26.67 -0.66
CA LYS A 645 16.21 27.68 0.37
C LYS A 645 17.11 27.42 1.57
N GLU A 646 17.24 26.15 1.98
CA GLU A 646 18.10 25.84 3.12
C GLU A 646 19.55 26.18 2.83
N LYS A 647 20.02 25.86 1.61
CA LYS A 647 21.40 26.19 1.26
C LYS A 647 21.61 27.70 1.24
N LEU A 648 20.66 28.44 0.68
CA LEU A 648 20.78 29.90 0.67
C LEU A 648 20.83 30.46 2.09
N ALA A 649 19.95 29.98 2.95
CA ALA A 649 19.93 30.48 4.33
C ALA A 649 21.23 30.14 5.05
N ARG A 650 21.73 28.91 4.88
CA ARG A 650 22.97 28.53 5.53
C ARG A 650 24.13 29.39 5.05
N GLN A 651 24.22 29.61 3.74
CA GLN A 651 25.28 30.46 3.21
C GLN A 651 25.15 31.88 3.76
N HIS A 652 23.93 32.40 3.82
CA HIS A 652 23.73 33.76 4.30
C HIS A 652 24.16 33.90 5.76
N LYS A 653 23.74 32.95 6.62
CA LYS A 653 24.11 33.07 8.03
C LYS A 653 25.60 32.86 8.23
N ARG A 654 26.21 31.92 7.51
CA ARG A 654 27.64 31.71 7.66
C ARG A 654 28.44 32.93 7.20
N ARG A 655 28.02 33.55 6.08
CA ARG A 655 28.69 34.77 5.64
C ARG A 655 28.53 35.90 6.65
N SER A 656 27.32 36.06 7.19
CA SER A 656 27.09 37.12 8.17
C SER A 656 27.94 36.90 9.43
N ASP A 657 28.03 35.65 9.89
CA ASP A 657 28.82 35.35 11.08
C ASP A 657 30.31 35.63 10.88
N ASP A 658 30.76 35.72 9.63
CA ASP A 658 32.17 36.02 9.35
C ASP A 658 32.51 37.44 9.77
N GLY A 668 23.01 37.48 -5.40
CA GLY A 668 21.59 37.63 -5.68
C GLY A 668 21.07 36.59 -6.65
N VAL A 669 22.00 35.90 -7.34
CA VAL A 669 21.59 34.88 -8.30
C VAL A 669 20.87 33.73 -7.60
N LEU A 670 21.35 33.35 -6.42
CA LEU A 670 20.69 32.29 -5.68
C LEU A 670 19.27 32.69 -5.28
N GLU A 671 19.09 33.96 -4.90
CA GLU A 671 17.74 34.44 -4.62
C GLU A 671 16.86 34.35 -5.85
N GLU A 672 17.42 34.68 -7.02
CA GLU A 672 16.65 34.58 -8.26
C GLU A 672 16.24 33.15 -8.53
N GLN A 673 17.15 32.19 -8.32
CA GLN A 673 16.78 30.79 -8.52
C GLN A 673 15.70 30.36 -7.53
N ILE A 674 15.78 30.83 -6.28
CA ILE A 674 14.74 30.51 -5.31
C ILE A 674 13.40 31.05 -5.77
N GLU A 675 13.37 32.30 -6.25
CA GLU A 675 12.13 32.86 -6.74
C GLU A 675 11.58 32.07 -7.92
N ARG A 676 12.46 31.69 -8.86
CA ARG A 676 12.01 30.92 -10.01
C ARG A 676 11.42 29.59 -9.58
N LEU A 677 12.09 28.89 -8.66
CA LEU A 677 11.56 27.62 -8.18
C LEU A 677 10.26 27.82 -7.40
N GLN A 678 10.11 28.95 -6.72
CA GLN A 678 8.84 29.26 -6.06
C GLN A 678 7.71 29.34 -7.07
N GLU A 679 7.95 30.07 -8.16
CA GLU A 679 6.92 30.18 -9.19
C GLU A 679 6.64 28.82 -9.83
N LYS A 680 7.68 28.02 -10.04
CA LYS A 680 7.49 26.70 -10.61
C LYS A 680 6.64 25.81 -9.69
N VAL A 681 6.92 25.82 -8.38
CA VAL A 681 6.13 25.00 -7.47
C VAL A 681 4.69 25.49 -7.43
N GLU A 682 4.50 26.81 -7.48
CA GLU A 682 3.13 27.33 -7.50
C GLU A 682 2.39 26.83 -8.73
N SER A 683 3.04 26.85 -9.90
CA SER A 683 2.39 26.36 -11.10
C SER A 683 2.12 24.86 -11.04
N ALA A 684 3.06 24.10 -10.46
CA ALA A 684 2.84 22.67 -10.30
C ALA A 684 1.64 22.38 -9.41
N GLN A 685 1.51 23.11 -8.29
CA GLN A 685 0.35 22.95 -7.43
C GLN A 685 -0.93 23.33 -8.17
N SER A 686 -0.87 24.38 -8.98
CA SER A 686 -2.04 24.80 -9.73
C SER A 686 -2.49 23.71 -10.69
N GLU A 687 -1.53 23.08 -11.38
CA GLU A 687 -1.89 22.00 -12.31
C GLU A 687 -2.41 20.78 -11.58
N GLN A 688 -1.85 20.48 -10.40
CA GLN A 688 -2.39 19.39 -9.58
C GLN A 688 -3.85 19.66 -9.23
N LYS A 689 -4.13 20.87 -8.75
CA LYS A 689 -5.48 21.26 -8.40
C LYS A 689 -6.41 21.13 -9.59
N ASN A 690 -5.96 21.62 -10.76
CA ASN A 690 -6.80 21.54 -11.95
C ASN A 690 -7.08 20.11 -12.35
N LEU A 691 -6.09 19.23 -12.21
CA LEU A 691 -6.30 17.81 -12.50
C LEU A 691 -7.40 17.24 -11.61
N PHE A 692 -7.28 17.45 -10.30
CA PHE A 692 -8.28 16.88 -9.39
C PHE A 692 -9.67 17.47 -9.66
N LEU A 693 -9.73 18.79 -9.89
CA LEU A 693 -11.01 19.43 -10.17
C LEU A 693 -11.64 18.88 -11.44
N VAL A 694 -10.85 18.68 -12.49
CA VAL A 694 -11.39 18.12 -13.72
C VAL A 694 -11.91 16.71 -13.49
N ILE A 695 -11.17 15.89 -12.75
CA ILE A 695 -11.64 14.53 -12.47
C ILE A 695 -12.98 14.57 -11.76
N PHE A 696 -13.10 15.38 -10.71
CA PHE A 696 -14.34 15.42 -9.95
C PHE A 696 -15.49 16.01 -10.78
N GLN A 697 -15.23 17.04 -11.59
CA GLN A 697 -16.28 17.57 -12.44
C GLN A 697 -16.78 16.52 -13.42
N ARG A 698 -15.87 15.77 -14.01
CA ARG A 698 -16.24 14.68 -14.89
C ARG A 698 -17.16 13.70 -14.18
N PHE A 699 -16.69 13.15 -13.05
CA PHE A 699 -17.51 12.23 -12.27
C PHE A 699 -18.90 12.80 -12.03
N ILE A 700 -18.96 14.07 -11.61
CA ILE A 700 -20.24 14.68 -11.28
C ILE A 700 -21.14 14.70 -12.52
N MET A 701 -20.59 15.12 -13.66
CA MET A 701 -21.39 15.20 -14.88
C MET A 701 -21.93 13.83 -15.27
N ILE A 702 -21.05 12.82 -15.28
CA ILE A 702 -21.48 11.50 -15.73
C ILE A 702 -22.54 10.93 -14.80
N LEU A 703 -22.34 11.05 -13.48
CA LEU A 703 -23.30 10.50 -12.55
C LEU A 703 -24.63 11.26 -12.60
N THR A 704 -24.57 12.59 -12.76
CA THR A 704 -25.81 13.36 -12.88
C THR A 704 -26.58 12.94 -14.11
N GLU A 705 -25.89 12.76 -15.24
CA GLU A 705 -26.58 12.32 -16.46
C GLU A 705 -27.19 10.94 -16.26
N HIS A 706 -26.45 10.03 -15.64
CA HIS A 706 -26.99 8.69 -15.40
C HIS A 706 -28.23 8.74 -14.53
N LEU A 707 -28.18 9.52 -13.45
CA LEU A 707 -29.32 9.61 -12.55
C LEU A 707 -30.52 10.23 -13.23
N VAL A 708 -30.31 11.28 -14.04
CA VAL A 708 -31.43 11.90 -14.74
C VAL A 708 -32.06 10.91 -15.72
N ARG A 709 -31.22 10.19 -16.46
CA ARG A 709 -31.75 9.21 -17.40
C ARG A 709 -32.54 8.12 -16.68
N CYS A 710 -32.00 7.61 -15.57
CA CYS A 710 -32.68 6.56 -14.83
C CYS A 710 -34.00 7.05 -14.25
N GLU A 711 -34.02 8.29 -13.73
CA GLU A 711 -35.25 8.83 -13.18
C GLU A 711 -36.30 9.00 -14.26
N THR A 712 -35.90 9.50 -15.43
CA THR A 712 -36.85 9.63 -16.53
C THR A 712 -37.38 8.27 -16.95
N ASP A 713 -36.49 7.27 -17.04
CA ASP A 713 -36.91 5.92 -17.38
C ASP A 713 -37.66 5.24 -16.25
N GLY A 714 -37.58 5.76 -15.03
CA GLY A 714 -38.24 5.12 -13.91
C GLY A 714 -37.73 3.73 -13.58
N THR A 715 -36.43 3.50 -13.78
CA THR A 715 -35.82 2.20 -13.52
C THR A 715 -35.01 2.26 -12.22
N SER A 716 -34.49 1.11 -11.81
CA SER A 716 -33.68 1.05 -10.60
C SER A 716 -32.40 1.85 -10.78
N VAL A 717 -32.10 2.70 -9.80
CA VAL A 717 -30.88 3.49 -9.84
C VAL A 717 -29.66 2.65 -9.48
N LEU A 718 -29.84 1.61 -8.68
CA LEU A 718 -28.72 0.77 -8.24
C LEU A 718 -28.44 -0.27 -9.31
N THR A 719 -27.46 0.00 -10.16
CA THR A 719 -26.97 -0.91 -11.18
C THR A 719 -25.47 -1.02 -11.05
N PRO A 720 -24.87 -2.10 -11.57
CA PRO A 720 -23.42 -2.29 -11.36
C PRO A 720 -22.59 -1.11 -11.84
N TRP A 721 -22.98 -0.46 -12.94
CA TRP A 721 -22.22 0.68 -13.43
C TRP A 721 -22.22 1.82 -12.42
N TYR A 722 -23.38 2.14 -11.87
CA TYR A 722 -23.46 3.23 -10.91
C TYR A 722 -22.66 2.91 -9.66
N LYS A 723 -22.76 1.67 -9.16
CA LYS A 723 -21.99 1.30 -7.99
C LYS A 723 -20.50 1.43 -8.26
N ASN A 724 -20.05 0.95 -9.42
CA ASN A 724 -18.64 1.02 -9.74
C ASN A 724 -18.16 2.47 -9.80
N CYS A 725 -18.93 3.34 -10.47
CA CYS A 725 -18.51 4.73 -10.61
C CYS A 725 -18.47 5.43 -9.25
N ILE A 726 -19.51 5.24 -8.45
CA ILE A 726 -19.57 5.94 -7.15
C ILE A 726 -18.45 5.44 -6.24
N GLU A 727 -18.20 4.13 -6.24
CA GLU A 727 -17.15 3.59 -5.39
C GLU A 727 -15.76 3.97 -5.91
N ARG A 728 -15.62 4.23 -7.21
CA ARG A 728 -14.36 4.77 -7.73
C ARG A 728 -14.15 6.20 -7.27
N LEU A 729 -15.22 7.01 -7.24
CA LEU A 729 -15.10 8.35 -6.68
C LEU A 729 -14.69 8.27 -5.22
N GLN A 730 -15.30 7.35 -4.46
CA GLN A 730 -14.91 7.14 -3.08
C GLN A 730 -13.46 6.72 -2.98
N GLN A 731 -12.99 5.87 -3.90
CA GLN A 731 -11.60 5.43 -3.89
C GLN A 731 -10.65 6.59 -4.11
N ILE A 732 -10.98 7.48 -5.05
CA ILE A 732 -10.15 8.67 -5.26
C ILE A 732 -10.08 9.49 -3.99
N PHE A 733 -11.24 9.73 -3.35
CA PHE A 733 -11.27 10.51 -2.12
C PHE A 733 -10.39 9.86 -1.06
N LEU A 734 -10.55 8.55 -0.86
CA LEU A 734 -9.79 7.85 0.16
C LEU A 734 -8.29 7.92 -0.12
N GLN A 735 -7.90 7.71 -1.38
CA GLN A 735 -6.48 7.69 -1.71
C GLN A 735 -5.84 9.05 -1.50
N HIS A 736 -6.52 10.14 -1.88
CA HIS A 736 -5.87 11.44 -1.91
C HIS A 736 -6.53 12.47 -0.99
N HIS A 737 -7.13 12.01 0.11
CA HIS A 737 -7.64 12.94 1.11
C HIS A 737 -6.55 13.89 1.59
N GLN A 738 -5.32 13.39 1.72
CA GLN A 738 -4.23 14.21 2.22
C GLN A 738 -4.07 15.49 1.41
N ILE A 739 -4.32 15.43 0.11
CA ILE A 739 -4.21 16.61 -0.75
C ILE A 739 -5.55 17.32 -0.87
N ILE A 740 -6.65 16.58 -1.01
CA ILE A 740 -7.97 17.20 -1.16
C ILE A 740 -8.33 18.02 0.06
N GLN A 741 -7.68 17.77 1.20
CA GLN A 741 -7.90 18.62 2.37
C GLN A 741 -7.62 20.08 2.05
N GLN A 742 -6.68 20.33 1.13
CA GLN A 742 -6.37 21.71 0.75
C GLN A 742 -7.42 22.30 -0.18
N TYR A 743 -8.00 21.47 -1.06
CA TYR A 743 -8.99 21.96 -2.01
C TYR A 743 -10.40 21.99 -1.42
N MET A 744 -10.59 21.47 -0.21
CA MET A 744 -11.91 21.42 0.42
C MET A 744 -12.75 22.66 0.11
N VAL A 745 -12.17 23.85 0.22
CA VAL A 745 -12.94 25.08 0.04
C VAL A 745 -13.51 25.17 -1.37
N THR A 746 -12.63 25.02 -2.38
CA THR A 746 -13.12 25.13 -3.76
C THR A 746 -14.05 23.97 -4.10
N LEU A 747 -13.76 22.77 -3.59
CA LEU A 747 -14.64 21.64 -3.83
C LEU A 747 -16.05 21.94 -3.33
N GLU A 748 -16.16 22.50 -2.13
CA GLU A 748 -17.48 22.79 -1.58
C GLU A 748 -18.13 23.97 -2.28
N ASN A 749 -17.33 24.92 -2.78
CA ASN A 749 -17.90 26.11 -3.39
C ASN A 749 -18.38 25.87 -4.83
N LEU A 750 -17.71 24.99 -5.57
CA LEU A 750 -17.97 24.84 -6.99
C LEU A 750 -18.62 23.51 -7.35
N LEU A 751 -18.02 22.39 -6.98
CA LEU A 751 -18.49 21.08 -7.45
C LEU A 751 -19.61 20.51 -6.57
N PHE A 752 -19.31 20.26 -5.30
CA PHE A 752 -20.25 19.59 -4.41
C PHE A 752 -21.07 20.65 -3.67
N THR A 753 -22.05 21.19 -4.37
CA THR A 753 -22.94 22.20 -3.82
C THR A 753 -24.25 21.57 -3.36
N ALA A 754 -25.08 22.39 -2.71
CA ALA A 754 -26.36 21.91 -2.22
C ALA A 754 -27.26 21.47 -3.37
N GLU A 755 -27.22 22.22 -4.49
CA GLU A 755 -28.06 21.89 -5.64
C GLU A 755 -27.75 20.50 -6.20
N LEU A 756 -26.56 19.96 -5.92
CA LEU A 756 -26.21 18.66 -6.45
C LEU A 756 -27.15 17.58 -5.92
N ASP A 757 -27.25 16.49 -6.67
CA ASP A 757 -28.10 15.38 -6.25
C ASP A 757 -27.59 14.81 -4.93
N PRO A 758 -28.48 14.43 -4.01
CA PRO A 758 -28.01 13.90 -2.72
C PRO A 758 -27.12 12.67 -2.86
N HIS A 759 -27.37 11.82 -3.86
CA HIS A 759 -26.56 10.61 -4.00
C HIS A 759 -25.08 10.96 -4.18
N ILE A 760 -24.79 11.92 -5.06
CA ILE A 760 -23.39 12.31 -5.27
C ILE A 760 -22.86 13.07 -4.07
N LEU A 761 -23.65 14.01 -3.53
CA LEU A 761 -23.19 14.81 -2.40
C LEU A 761 -22.90 13.94 -1.18
N ALA A 762 -23.47 12.73 -1.12
CA ALA A 762 -23.22 11.85 0.01
C ALA A 762 -21.74 11.49 0.13
N VAL A 763 -21.08 11.25 -1.01
CA VAL A 763 -19.67 10.91 -0.98
C VAL A 763 -18.86 12.05 -0.41
N PHE A 764 -19.14 13.29 -0.84
CA PHE A 764 -18.40 14.43 -0.32
C PHE A 764 -18.67 14.62 1.16
N GLN A 765 -19.92 14.43 1.59
CA GLN A 765 -20.21 14.55 3.02
C GLN A 765 -19.47 13.50 3.83
N GLN A 766 -19.40 12.27 3.32
CA GLN A 766 -18.64 11.24 4.02
C GLN A 766 -17.18 11.61 4.10
N PHE A 767 -16.61 12.13 3.01
CA PHE A 767 -15.21 12.53 3.02
C PHE A 767 -14.97 13.63 4.05
N CYS A 768 -15.87 14.62 4.10
CA CYS A 768 -15.72 15.70 5.08
C CYS A 768 -15.79 15.16 6.50
N ALA A 769 -16.75 14.28 6.77
CA ALA A 769 -16.89 13.73 8.12
C ALA A 769 -15.75 12.77 8.46
N LEU A 770 -15.02 12.29 7.46
CA LEU A 770 -13.92 11.36 7.73
C LEU A 770 -12.90 11.96 8.70
N GLN A 771 -12.69 13.28 8.66
CA GLN A 771 -11.71 13.95 9.50
C GLN A 771 -12.32 15.21 10.10
N ALA A 772 -13.52 15.07 10.67
CA ALA A 772 -14.19 16.19 11.30
C ALA A 772 -15.42 15.72 12.08
N GLY B 4 16.32 6.06 22.13
CA GLY B 4 15.76 6.51 20.86
C GLY B 4 14.81 5.50 20.25
N LEU B 5 15.37 4.58 19.46
CA LEU B 5 14.61 3.54 18.79
C LEU B 5 15.32 2.21 18.96
N LEU B 6 14.53 1.15 19.16
CA LEU B 6 15.10 -0.18 19.34
C LEU B 6 15.75 -0.65 18.05
N LYS B 7 16.96 -1.19 18.15
CA LYS B 7 17.68 -1.60 16.96
C LYS B 7 17.11 -2.88 16.35
N ALA B 8 16.41 -3.69 17.15
CA ALA B 8 15.82 -4.92 16.61
C ALA B 8 14.74 -4.61 15.58
N LEU B 9 13.90 -3.60 15.82
CA LEU B 9 12.85 -3.28 14.87
C LEU B 9 13.39 -2.68 13.58
N ARG B 10 14.40 -1.81 13.67
CA ARG B 10 14.91 -1.19 12.45
C ARG B 10 15.62 -2.16 11.53
N SER B 11 15.90 -3.38 11.99
CA SER B 11 16.58 -4.34 11.13
C SER B 11 15.78 -4.57 9.85
N ASP B 12 16.48 -4.49 8.73
CA ASP B 12 15.89 -4.65 7.39
C ASP B 12 16.84 -5.55 6.59
N SER B 13 16.67 -6.86 6.72
CA SER B 13 17.61 -7.79 6.09
C SER B 13 17.35 -8.00 4.62
N TYR B 14 16.25 -7.47 4.07
CA TYR B 14 15.92 -7.63 2.66
C TYR B 14 16.35 -6.44 1.82
N VAL B 15 16.88 -5.38 2.44
CA VAL B 15 17.27 -4.17 1.73
C VAL B 15 18.74 -3.89 1.97
N GLU B 16 19.52 -4.94 2.19
CA GLU B 16 20.94 -4.83 2.48
C GLU B 16 21.76 -5.14 1.23
N LEU B 17 22.94 -4.55 1.17
CA LEU B 17 23.83 -4.76 0.03
C LEU B 17 24.20 -6.23 -0.08
N SER B 18 24.31 -6.71 -1.31
CA SER B 18 24.72 -8.07 -1.58
C SER B 18 26.25 -8.15 -1.66
N GLN B 19 26.76 -9.35 -1.87
CA GLN B 19 28.19 -9.58 -1.97
C GLN B 19 28.71 -9.41 -3.39
N TYR B 20 27.86 -9.01 -4.33
CA TYR B 20 28.24 -8.83 -5.73
C TYR B 20 28.75 -7.42 -5.95
N ARG B 21 29.98 -7.31 -6.45
CA ARG B 21 30.56 -6.04 -6.86
C ARG B 21 30.70 -6.03 -8.37
N ASP B 22 30.37 -4.89 -8.98
CA ASP B 22 30.49 -4.77 -10.43
C ASP B 22 31.95 -4.95 -10.83
N GLN B 23 32.18 -5.76 -11.87
CA GLN B 23 33.53 -6.05 -12.33
C GLN B 23 34.05 -5.06 -13.36
N HIS B 24 33.16 -4.42 -14.13
CA HIS B 24 33.56 -3.43 -15.11
C HIS B 24 33.29 -2.00 -14.67
N PHE B 25 32.99 -1.78 -13.39
CA PHE B 25 32.71 -0.43 -12.91
C PHE B 25 33.99 0.40 -13.00
N ARG B 26 33.81 1.68 -13.34
CA ARG B 26 34.93 2.60 -13.56
C ARG B 26 35.15 3.40 -12.27
N GLY B 27 35.87 2.78 -11.34
CA GLY B 27 36.18 3.43 -10.08
C GLY B 27 36.46 2.39 -9.01
N ASP B 28 36.77 2.91 -7.82
CA ASP B 28 37.08 2.04 -6.69
C ASP B 28 35.79 1.55 -6.03
N ASN B 29 35.94 0.56 -5.14
CA ASN B 29 34.79 -0.03 -4.49
C ASN B 29 34.06 0.98 -3.61
N GLU B 30 34.78 1.98 -3.09
CA GLU B 30 34.18 2.91 -2.13
C GLU B 30 33.07 3.73 -2.78
N GLU B 31 33.34 4.30 -3.96
CA GLU B 31 32.32 5.08 -4.63
C GLU B 31 31.19 4.20 -5.11
N GLN B 32 31.48 2.95 -5.46
CA GLN B 32 30.42 2.01 -5.81
C GLN B 32 29.49 1.79 -4.62
N GLU B 33 30.06 1.63 -3.43
CA GLU B 33 29.23 1.49 -2.23
C GLU B 33 28.42 2.75 -1.96
N LYS B 34 29.03 3.93 -2.11
CA LYS B 34 28.25 5.16 -1.94
C LYS B 34 27.06 5.19 -2.91
N LEU B 35 27.30 4.86 -4.18
CA LEU B 35 26.21 4.87 -5.15
C LEU B 35 25.14 3.86 -4.78
N LEU B 36 25.55 2.66 -4.36
CA LEU B 36 24.58 1.62 -4.02
C LEU B 36 23.73 2.04 -2.83
N LYS B 37 24.31 2.78 -1.88
CA LYS B 37 23.57 3.22 -0.71
C LYS B 37 22.49 4.24 -1.04
N LYS B 38 22.49 4.80 -2.25
CA LYS B 38 21.51 5.81 -2.65
C LYS B 38 20.89 5.52 -4.01
N SER B 39 21.19 4.38 -4.61
CA SER B 39 20.67 4.09 -5.93
C SER B 39 19.17 3.81 -5.87
N CYS B 40 18.54 3.83 -7.04
CA CYS B 40 17.12 3.53 -7.18
C CYS B 40 16.86 2.46 -8.24
N THR B 41 17.90 1.80 -8.73
CA THR B 41 17.78 0.82 -9.80
C THR B 41 17.95 -0.59 -9.23
N LEU B 42 17.09 -1.50 -9.68
CA LEU B 42 17.12 -2.88 -9.24
C LEU B 42 17.43 -3.78 -10.43
N TYR B 43 18.41 -4.67 -10.25
CA TYR B 43 18.73 -5.70 -11.22
C TYR B 43 17.91 -6.93 -10.89
N VAL B 44 17.01 -7.30 -11.81
CA VAL B 44 16.10 -8.42 -11.67
C VAL B 44 16.67 -9.58 -12.46
N GLY B 45 17.04 -10.66 -11.76
CA GLY B 45 17.60 -11.84 -12.35
C GLY B 45 16.66 -13.04 -12.26
N ASN B 46 17.14 -14.13 -12.86
CA ASN B 46 16.41 -15.40 -12.92
C ASN B 46 15.06 -15.22 -13.63
N LEU B 47 15.12 -14.64 -14.83
CA LEU B 47 13.98 -14.50 -15.71
C LEU B 47 14.07 -15.50 -16.85
N SER B 48 12.92 -15.80 -17.46
CA SER B 48 12.86 -16.65 -18.63
C SER B 48 13.07 -15.83 -19.89
N PHE B 49 13.66 -16.47 -20.91
CA PHE B 49 13.89 -15.77 -22.18
C PHE B 49 12.58 -15.28 -22.78
N TYR B 50 11.52 -16.08 -22.69
CA TYR B 50 10.25 -15.75 -23.33
C TYR B 50 9.48 -14.67 -22.59
N THR B 51 9.93 -14.27 -21.40
CA THR B 51 9.16 -13.34 -20.58
C THR B 51 9.12 -11.98 -21.26
N THR B 52 7.94 -11.58 -21.71
CA THR B 52 7.75 -10.24 -22.25
C THR B 52 7.79 -9.20 -21.13
N GLU B 53 8.07 -7.96 -21.51
CA GLU B 53 8.26 -6.91 -20.51
C GLU B 53 6.95 -6.34 -19.96
N GLU B 54 5.81 -6.64 -20.57
CA GLU B 54 4.55 -6.12 -20.03
C GLU B 54 4.28 -6.70 -18.64
N GLN B 55 4.55 -7.99 -18.45
CA GLN B 55 4.29 -8.60 -17.14
C GLN B 55 5.26 -8.09 -16.07
N ILE B 56 6.53 -7.90 -16.43
CA ILE B 56 7.45 -7.28 -15.48
C ILE B 56 6.98 -5.88 -15.12
N TYR B 57 6.54 -5.11 -16.12
CA TYR B 57 6.05 -3.77 -15.85
C TYR B 57 4.87 -3.82 -14.88
N GLU B 58 3.92 -4.72 -15.15
CA GLU B 58 2.75 -4.85 -14.28
C GLU B 58 3.16 -5.17 -12.85
N LEU B 59 3.99 -6.21 -12.69
CA LEU B 59 4.32 -6.67 -11.33
C LEU B 59 5.10 -5.61 -10.57
N PHE B 60 6.18 -5.09 -11.15
CA PHE B 60 6.99 -4.12 -10.44
C PHE B 60 6.32 -2.75 -10.34
N SER B 61 5.29 -2.48 -11.14
CA SER B 61 4.45 -1.32 -10.90
C SER B 61 3.54 -1.54 -9.69
N LYS B 62 3.07 -2.77 -9.51
CA LYS B 62 2.30 -3.11 -8.31
C LYS B 62 3.07 -2.77 -7.05
N SER B 63 4.41 -2.85 -7.09
CA SER B 63 5.25 -2.48 -5.96
C SER B 63 5.57 -0.98 -5.94
N GLY B 64 4.87 -0.18 -6.73
CA GLY B 64 5.12 1.24 -6.84
C GLY B 64 5.38 1.65 -8.27
N ASP B 65 5.36 2.97 -8.47
CA ASP B 65 5.49 3.53 -9.81
C ASP B 65 6.86 3.23 -10.40
N ILE B 66 6.90 2.98 -11.71
CA ILE B 66 8.11 2.65 -12.43
C ILE B 66 8.47 3.82 -13.34
N LYS B 67 9.75 4.16 -13.37
CA LYS B 67 10.21 5.21 -14.27
C LYS B 67 10.70 4.62 -15.59
N LYS B 68 11.54 3.59 -15.53
CA LYS B 68 12.08 3.03 -16.77
C LYS B 68 12.43 1.56 -16.58
N ILE B 69 12.31 0.79 -17.66
CA ILE B 69 12.60 -0.63 -17.66
C ILE B 69 13.54 -0.92 -18.83
N ILE B 70 14.60 -1.67 -18.57
CA ILE B 70 15.60 -2.01 -19.58
C ILE B 70 15.72 -3.53 -19.59
N MET B 71 15.32 -4.16 -20.69
CA MET B 71 15.43 -5.61 -20.80
C MET B 71 16.88 -6.02 -21.08
N GLY B 72 17.20 -7.25 -20.72
CA GLY B 72 18.54 -7.76 -20.88
C GLY B 72 18.77 -8.38 -22.25
N LEU B 73 19.36 -7.60 -23.14
CA LEU B 73 19.54 -8.03 -24.53
C LEU B 73 20.80 -8.89 -24.67
N ASP B 74 20.79 -9.71 -25.73
CA ASP B 74 21.98 -10.48 -26.07
C ASP B 74 23.03 -9.58 -26.71
N LYS B 75 24.29 -9.99 -26.57
CA LYS B 75 25.38 -9.17 -27.10
C LYS B 75 25.30 -9.03 -28.61
N MET B 76 24.99 -10.13 -29.31
CA MET B 76 24.91 -10.12 -30.77
C MET B 76 23.52 -10.40 -31.30
N LYS B 77 22.81 -11.39 -30.75
CA LYS B 77 21.48 -11.72 -31.26
C LYS B 77 20.45 -10.65 -30.93
N LYS B 78 20.75 -9.76 -29.98
CA LYS B 78 19.82 -8.72 -29.55
C LYS B 78 18.47 -9.31 -29.13
N THR B 79 18.52 -10.41 -28.38
CA THR B 79 17.34 -11.05 -27.83
C THR B 79 17.49 -11.15 -26.31
N ALA B 80 16.35 -11.34 -25.64
CA ALA B 80 16.33 -11.38 -24.18
C ALA B 80 17.21 -12.52 -23.66
N CYS B 81 17.90 -12.26 -22.55
CA CYS B 81 18.78 -13.25 -21.93
C CYS B 81 18.34 -13.65 -20.54
N GLY B 82 17.28 -13.06 -19.99
CA GLY B 82 16.81 -13.44 -18.68
C GLY B 82 17.30 -12.55 -17.57
N PHE B 83 17.26 -11.23 -17.79
CA PHE B 83 17.58 -10.28 -16.75
C PHE B 83 17.09 -8.90 -17.19
N CYS B 84 16.82 -8.04 -16.22
CA CYS B 84 16.22 -6.75 -16.49
C CYS B 84 16.68 -5.74 -15.45
N PHE B 85 16.55 -4.46 -15.78
CA PHE B 85 16.81 -3.37 -14.86
C PHE B 85 15.55 -2.54 -14.71
N VAL B 86 15.14 -2.30 -13.46
CA VAL B 86 13.97 -1.49 -13.17
C VAL B 86 14.44 -0.25 -12.43
N GLU B 87 14.12 0.92 -12.98
CA GLU B 87 14.54 2.20 -12.42
C GLU B 87 13.26 2.85 -11.90
N TYR B 88 13.10 2.84 -10.58
CA TYR B 88 11.96 3.45 -9.89
C TYR B 88 12.17 4.95 -9.72
N TYR B 89 11.11 5.62 -9.29
CA TYR B 89 11.15 7.07 -9.10
C TYR B 89 11.63 7.49 -7.72
N SER B 90 11.51 6.61 -6.71
CA SER B 90 11.90 6.95 -5.36
C SER B 90 12.62 5.78 -4.72
N ARG B 91 13.47 6.09 -3.74
CA ARG B 91 14.20 5.04 -3.03
C ARG B 91 13.25 4.13 -2.27
N ALA B 92 12.20 4.70 -1.68
CA ALA B 92 11.28 3.89 -0.88
C ALA B 92 10.63 2.80 -1.73
N ASP B 93 10.27 3.13 -2.98
CA ASP B 93 9.67 2.12 -3.85
C ASP B 93 10.64 0.98 -4.10
N ALA B 94 11.92 1.28 -4.33
CA ALA B 94 12.90 0.22 -4.53
C ALA B 94 13.05 -0.64 -3.29
N GLU B 95 13.09 -0.01 -2.11
CA GLU B 95 13.17 -0.78 -0.88
C GLU B 95 11.97 -1.70 -0.73
N ASN B 96 10.78 -1.19 -0.99
CA ASN B 96 9.57 -2.01 -0.89
C ASN B 96 9.62 -3.17 -1.87
N ALA B 97 10.08 -2.91 -3.09
CA ALA B 97 10.20 -3.97 -4.08
C ALA B 97 11.16 -5.05 -3.60
N MET B 98 12.28 -4.65 -3.00
CA MET B 98 13.21 -5.64 -2.48
C MET B 98 12.61 -6.45 -1.35
N ARG B 99 11.85 -5.80 -0.46
CA ARG B 99 11.32 -6.54 0.68
C ARG B 99 10.18 -7.47 0.27
N TYR B 100 9.41 -7.10 -0.76
CA TYR B 100 8.20 -7.85 -1.11
C TYR B 100 8.26 -8.54 -2.46
N ILE B 101 9.00 -8.01 -3.43
CA ILE B 101 9.08 -8.67 -4.73
C ILE B 101 10.21 -9.68 -4.79
N ASN B 102 11.28 -9.48 -4.03
CA ASN B 102 12.36 -10.46 -3.99
C ASN B 102 11.81 -11.81 -3.52
N GLY B 103 12.12 -12.86 -4.28
CA GLY B 103 11.66 -14.20 -3.97
C GLY B 103 10.27 -14.55 -4.47
N THR B 104 9.46 -13.57 -4.83
CA THR B 104 8.11 -13.86 -5.31
C THR B 104 8.17 -14.46 -6.71
N ARG B 105 7.37 -15.50 -6.94
CA ARG B 105 7.41 -16.20 -8.22
C ARG B 105 6.94 -15.31 -9.35
N LEU B 106 7.44 -15.60 -10.55
CA LEU B 106 7.02 -14.93 -11.77
C LEU B 106 7.27 -15.88 -12.92
N ASP B 107 6.20 -16.26 -13.63
CA ASP B 107 6.26 -17.29 -14.66
C ASP B 107 6.74 -18.62 -14.07
N ASP B 108 6.38 -18.89 -12.83
CA ASP B 108 6.81 -20.09 -12.11
C ASP B 108 8.34 -20.11 -11.99
N ARG B 109 8.95 -18.93 -11.91
CA ARG B 109 10.39 -18.81 -11.74
C ARG B 109 10.68 -17.79 -10.66
N ILE B 110 11.60 -18.13 -9.75
CA ILE B 110 11.91 -17.26 -8.63
C ILE B 110 12.69 -16.05 -9.15
N ILE B 111 12.27 -14.86 -8.71
CA ILE B 111 12.85 -13.60 -9.15
C ILE B 111 13.89 -13.17 -8.14
N ARG B 112 15.09 -12.80 -8.60
CA ARG B 112 16.15 -12.33 -7.72
C ARG B 112 16.38 -10.85 -7.94
N THR B 113 16.05 -10.01 -6.96
CA THR B 113 16.19 -8.56 -7.10
C THR B 113 17.35 -8.09 -6.25
N ASP B 114 18.22 -7.26 -6.82
CA ASP B 114 19.38 -6.78 -6.11
C ASP B 114 19.59 -5.31 -6.47
N TRP B 115 20.29 -4.58 -5.61
CA TRP B 115 20.59 -3.18 -5.91
C TRP B 115 21.57 -3.05 -7.07
N ASP B 116 21.49 -1.93 -7.78
CA ASP B 116 22.42 -1.67 -8.87
C ASP B 116 22.86 -0.23 -8.80
N ALA B 117 24.09 0.03 -9.27
CA ALA B 117 24.72 1.34 -9.20
C ALA B 117 24.26 2.29 -10.30
N GLY B 118 23.13 2.03 -10.93
CA GLY B 118 22.61 2.90 -11.98
C GLY B 118 22.74 2.24 -13.34
N PHE B 119 22.45 3.02 -14.38
CA PHE B 119 22.48 2.49 -15.73
C PHE B 119 23.07 3.50 -16.70
N LYS B 120 24.06 3.04 -17.46
CA LYS B 120 24.69 3.78 -18.55
C LYS B 120 24.54 2.95 -19.82
N GLU B 121 25.13 3.43 -20.92
CA GLU B 121 25.07 2.68 -22.15
C GLU B 121 26.00 1.47 -22.07
N GLY B 122 25.58 0.37 -22.69
CA GLY B 122 26.37 -0.83 -22.69
C GLY B 122 26.13 -1.75 -21.52
N ARG B 123 25.24 -1.38 -20.60
CA ARG B 123 24.96 -2.14 -19.39
C ARG B 123 23.84 -3.14 -19.56
N GLN B 124 23.25 -3.25 -20.74
CA GLN B 124 22.14 -4.17 -20.97
C GLN B 124 22.55 -5.43 -21.72
N TYR B 125 23.76 -5.48 -22.27
CA TYR B 125 24.26 -6.65 -22.98
C TYR B 125 25.06 -7.51 -22.01
N GLY B 126 24.76 -8.80 -21.99
CA GLY B 126 25.45 -9.71 -21.10
C GLY B 126 26.95 -9.74 -21.30
N ARG B 127 27.70 -9.61 -20.20
CA ARG B 127 29.15 -9.59 -20.30
C ARG B 127 29.71 -10.90 -20.83
N GLY B 128 28.92 -11.97 -20.78
CA GLY B 128 29.35 -13.27 -21.25
C GLY B 128 29.80 -13.27 -22.69
N ARG B 129 30.97 -13.88 -22.96
CA ARG B 129 31.51 -13.90 -24.31
C ARG B 129 30.65 -14.70 -25.28
N SER B 130 29.79 -15.58 -24.78
CA SER B 130 28.83 -16.26 -25.65
C SER B 130 27.68 -15.36 -26.06
N GLY B 131 27.47 -14.25 -25.36
CA GLY B 131 26.41 -13.32 -25.69
C GLY B 131 25.37 -13.22 -24.58
N GLY B 132 25.06 -14.33 -23.95
CA GLY B 132 24.05 -14.35 -22.91
C GLY B 132 24.60 -13.87 -21.58
N GLN B 133 24.23 -14.56 -20.51
CA GLN B 133 24.71 -14.23 -19.17
C GLN B 133 25.81 -15.21 -18.77
N VAL B 134 26.76 -14.72 -17.98
CA VAL B 134 27.88 -15.57 -17.55
C VAL B 134 27.36 -16.77 -16.78
N ARG B 135 26.40 -16.54 -15.89
CA ARG B 135 25.79 -17.67 -15.17
C ARG B 135 25.15 -18.64 -16.15
N ASP B 136 24.55 -18.12 -17.24
CA ASP B 136 23.99 -19.00 -18.26
C ASP B 136 25.05 -19.80 -18.98
N GLU B 137 26.30 -19.32 -19.02
CA GLU B 137 27.38 -20.08 -19.62
C GLU B 137 28.03 -21.05 -18.64
N TYR B 138 27.88 -20.82 -17.33
CA TYR B 138 28.49 -21.70 -16.35
C TYR B 138 27.52 -22.75 -15.82
N ARG B 139 26.22 -22.47 -15.80
CA ARG B 139 25.26 -23.43 -15.29
C ARG B 139 25.21 -24.67 -16.18
N GLN B 140 24.86 -25.81 -15.58
CA GLN B 140 24.76 -27.07 -16.30
C GLN B 140 23.37 -27.71 -16.25
N ASP B 141 22.46 -27.18 -15.42
CA ASP B 141 21.13 -27.77 -15.32
C ASP B 141 20.24 -27.30 -16.45
N TYR B 142 19.36 -28.19 -16.91
CA TYR B 142 18.46 -27.88 -18.00
C TYR B 142 17.42 -26.86 -17.54
N ASP B 143 17.03 -25.96 -18.44
CA ASP B 143 16.03 -24.95 -18.11
C ASP B 143 15.39 -24.47 -19.40
N ALA B 144 14.12 -24.82 -19.61
CA ALA B 144 13.43 -24.40 -20.84
C ALA B 144 13.35 -22.89 -20.94
N GLY B 145 13.03 -22.22 -19.84
CA GLY B 145 12.93 -20.76 -19.86
C GLY B 145 14.24 -20.06 -20.12
N ARG B 146 15.36 -20.74 -19.94
CA ARG B 146 16.69 -20.19 -20.18
C ARG B 146 17.34 -20.83 -21.40
N GLY B 147 16.55 -21.09 -22.42
CA GLY B 147 17.08 -21.70 -23.65
C GLY B 147 17.32 -23.18 -23.59
N GLY B 148 18.01 -23.66 -22.59
CA GLY B 148 18.29 -25.07 -22.45
C GLY B 148 19.56 -25.28 -21.64
N TYR B 149 20.34 -26.28 -22.06
CA TYR B 149 21.62 -26.54 -21.41
C TYR B 149 22.56 -25.36 -21.59
N GLY B 150 23.49 -25.22 -20.66
CA GLY B 150 24.42 -24.11 -20.70
C GLY B 150 25.28 -24.14 -21.94
N LYS B 151 25.76 -22.96 -22.32
CA LYS B 151 26.58 -22.84 -23.53
C LYS B 151 27.74 -23.82 -23.51
N LEU B 152 28.32 -24.05 -22.32
CA LEU B 152 29.44 -24.99 -22.23
C LEU B 152 29.00 -26.40 -22.61
N ALA B 153 27.79 -26.79 -22.22
CA ALA B 153 27.32 -28.15 -22.52
C ALA B 153 27.28 -28.40 -24.02
N GLN B 154 26.74 -27.46 -24.78
CA GLN B 154 26.72 -27.61 -26.23
C GLN B 154 28.12 -27.46 -26.82
N ASN B 155 28.88 -26.49 -26.32
CA ASN B 155 30.22 -26.23 -26.83
C ASN B 155 30.96 -25.24 -25.93
N GLY C 709 6.00 -26.21 -22.84
CA GLY C 709 6.63 -25.56 -24.00
C GLY C 709 6.13 -24.14 -24.20
N ASP C 710 6.95 -23.16 -23.83
CA ASP C 710 6.58 -21.72 -23.97
C ASP C 710 6.19 -21.44 -25.44
N PRO C 711 4.88 -21.29 -25.73
CA PRO C 711 4.41 -21.05 -27.10
C PRO C 711 4.41 -19.56 -27.52
N ARG C 712 5.62 -18.97 -27.52
CA ARG C 712 5.83 -17.55 -27.89
C ARG C 712 7.33 -17.34 -28.16
N ALA C 713 7.68 -16.90 -29.37
CA ALA C 713 9.09 -16.69 -29.76
C ALA C 713 9.69 -15.53 -28.96
N ILE C 714 10.99 -15.59 -28.66
CA ILE C 714 11.70 -14.53 -27.90
C ILE C 714 11.73 -13.26 -28.76
N VAL C 715 11.64 -12.08 -28.12
CA VAL C 715 11.63 -10.83 -28.85
C VAL C 715 13.06 -10.50 -29.31
N GLU C 716 13.14 -9.68 -30.35
CA GLU C 716 14.41 -9.25 -30.92
C GLU C 716 14.48 -7.73 -30.87
N TYR C 717 15.29 -7.21 -29.94
CA TYR C 717 15.42 -5.77 -29.72
C TYR C 717 16.59 -5.19 -30.50
N ARG C 718 16.84 -5.68 -31.71
CA ARG C 718 18.14 -5.50 -32.35
C ARG C 718 18.48 -4.02 -32.49
N ASP C 719 17.59 -3.25 -33.08
CA ASP C 719 17.83 -1.83 -33.34
C ASP C 719 17.00 -0.94 -32.42
N LEU C 720 16.94 -1.31 -31.14
CA LEU C 720 16.21 -0.52 -30.14
C LEU C 720 17.04 0.72 -29.78
N ASP C 721 17.37 1.50 -30.81
CA ASP C 721 18.18 2.69 -30.66
C ASP C 721 17.68 3.60 -29.54
N ALA C 722 18.32 3.52 -28.37
CA ALA C 722 17.98 4.41 -27.26
C ALA C 722 19.06 5.48 -27.17
N PRO C 723 18.88 6.67 -27.77
CA PRO C 723 19.98 7.65 -27.75
C PRO C 723 20.12 8.35 -26.40
N ASP C 724 19.34 9.40 -26.18
CA ASP C 724 19.33 10.14 -24.92
C ASP C 724 17.87 10.35 -24.52
N ASP C 725 17.46 9.77 -23.40
CA ASP C 725 16.08 9.88 -22.95
C ASP C 725 16.07 10.29 -21.49
N VAL C 726 15.45 11.44 -21.20
CA VAL C 726 15.21 11.91 -19.85
C VAL C 726 13.71 12.17 -19.74
N ASP C 727 13.23 12.39 -18.51
CA ASP C 727 11.82 12.65 -18.27
C ASP C 727 11.67 14.15 -18.06
N PHE C 728 11.18 14.85 -19.08
CA PHE C 728 10.91 16.28 -18.99
C PHE C 728 9.77 16.59 -18.02
N PHE C 729 8.99 15.59 -17.62
CA PHE C 729 7.93 15.78 -16.63
C PHE C 729 8.02 14.67 -15.59
#